data_8FFJ
#
_entry.id   8FFJ
#
loop_
_entity.id
_entity.type
_entity.pdbx_description
1 polymer 'Receptor tyrosine-protein kinase erbB-2'
2 polymer 'Zanidatamab Heavy Chain A'
3 polymer 'Zanidatamab Light Chain A'
4 polymer 'Zanidatamab Heavy Chain B'
#
loop_
_entity_poly.entity_id
_entity_poly.type
_entity_poly.pdbx_seq_one_letter_code
_entity_poly.pdbx_strand_id
1 'polypeptide(L)'
;TQVCTGTDMKLRLPASPETHLDMLRHLYQGCQVVQGNLELTYLPTNASLSFLQDIQEVQGYVLIAHNQVRQVPLQRLRIV
RGTQLFEDNYALAVLDNGDPLNNTTPVTGASPGGLRELQLRSLTEILKGGVLIQRNPQLCYQDTILWKDIFHKNNQLALT
LIDTNRSRACHPCSPMCKGSRCWGESSEDCQSLTRTVCAGGCARCKGPLPTDCCHEQCAAGCTGPKHSDCLACLHFNHSG
ICELHCPALVTYNTDTFESMPNPEGRYTFGASCVTACPYNYLSTDVGSCTLVCPLHNQEVTAEDGTQRCEKCSKPCARVC
YGLGMEHLREVRAVTSANIQEFAGCKKIFGSLAFLPESFDGDPASNTAPLQPEQLQVFETLEEITGYLYISAWPDSLPDL
SVFQNLQVIRGRILHNGAYSLTLQGLGISWLGLRSLRELGSGLALIHHNTHLCFVHTVPWDQLFRNPHQALLHTANRPED
ECVGEGLACHQLCARGHCWGPGPTQCVNCSQFLRGQECVEECRVLQGLPREYVNARHCLPCHPECQPQNGSVTCFGPEAD
QCVACAHYKDPPFCVARCPSGVKPDLSYMPIWKFPDEEGACQPCPINCTHSCVDLDDKGCPA
;
X
2 'polypeptide(L)'
;GEVQLVESGGGLVQPGGSLRLSCAASGFTFTDYTMDWVRQAPGKGLEWVADVNPNSGGSIYNQRFKGRFTLSVDRSKNTL
YLQMNSLRAEDTAVYYCARNLGPSFYFDYWGQGTLVTVSSASTKGPSVFPLAPSSKSTSGGTAALGCLVKDYFPEPVTVS
WNSGALTSGVHTFPAVLQSSGLYSLSSVVTVPSSSLGTQTYICNVNHKPSNTKVDKKVEPKSCDKTHTCPPCPAPELLGG
PSVFLFPPKPKDTLMISRTPEVTCVVVDVSHEDPEVKFNWYVDGVEVHNAKTKPREEQYNSTYRVVSVLTVLHQDWLNGK
EYKCKVSNKALPAPIEKTISKAKGQPREPQVYVYPPSRDELTKNQVSLTCLVKGFYPSDIAVEWESNGQPENNYKTTPPV
LDSDGSFALVSKLTVDKSRWQQGNVFSCSVMHEALHNHYTQKSLSLSPGGS
;
J
3 'polypeptide(L)'
;GDIQMTQSPSSLSASVGDRVTITCKASQDVSIGVAWYQQKPGKAPKLLIYSASYRYTGVPSRFSGSGSGTDFTLTISSLQ
PEDFATYYCQQYYIYPYTFGQGTKVEIKRTVAAPSVFIFPPSDEQLKSGTASVVCLLNNFYPREAKVQWKVDNALQSGNS
QESVTEQDSKDSTYSLSSTLTLSKADYEKHKVYACEVTHQGLSSPVTKSFNRGECGS
;
Q
4 'polypeptide(L)'
;GDIQMTQSPSSLSASVGDRVTITCRASQDVNTAVAWYQQKPGKAPKLLIYSASFLYSGVPSRFSGSRSGTDFTLTISSLQ
PEDFATYYCQQHYTTPPTFGQGTKVEIKGGSGGGSGGGSGGGSGGGSGEVQLVESGGGLVQPGGSLRLSCAASGFNIKDT
YIHWVRQAPGKGLEWVARIYPTNGYTRYADSVKGRFTISADTSKNTAYLQMNSLRAEDTAVYYCSRWGGDGFYAMDYWGQ
GTLVTVSSAAEPKSSDKTHTCPPCPAPELLGGPSVFLFPPKPKDTLMISRTPEVTCVVVDVSHEDPEVKFNWYVDGVEVH
NAKTKPREEQYNSTYRVVSVLTVLHQDWLNGKEYKCKVSNKALPAPIEKTISKAKGQPREPQVYVLPPSRDELTKNQVSL
LCLVKGFYPSDIAVEWESNGQPENNYLTWPPVLDSDGSFFLYSKLTVDKSRWQQGNVFSCSVMHEALHNHYTQKSLSLSP
GGS
;
I
#
# COMPACT_ATOMS: atom_id res chain seq x y z
N THR A 1 3.88 -9.80 -27.97
CA THR A 1 5.06 -9.59 -27.09
C THR A 1 5.76 -10.92 -26.87
N GLN A 2 7.08 -10.95 -26.58
CA GLN A 2 7.77 -12.20 -26.20
C GLN A 2 7.46 -12.66 -24.77
N VAL A 3 6.88 -11.78 -23.95
CA VAL A 3 6.40 -12.05 -22.59
C VAL A 3 4.88 -12.20 -22.63
N CYS A 4 4.34 -13.18 -21.92
CA CYS A 4 2.90 -13.42 -21.75
C CYS A 4 2.56 -13.73 -20.29
N THR A 5 1.29 -13.63 -19.90
CA THR A 5 0.80 -14.11 -18.60
C THR A 5 0.76 -15.64 -18.59
N GLY A 6 0.98 -16.27 -17.42
CA GLY A 6 0.56 -17.67 -17.18
C GLY A 6 -0.92 -17.77 -16.80
N THR A 7 -1.33 -18.94 -16.29
CA THR A 7 -2.71 -19.18 -15.84
C THR A 7 -2.81 -19.62 -14.37
N ASP A 8 -4.06 -19.72 -13.87
CA ASP A 8 -4.39 -20.30 -12.57
C ASP A 8 -5.62 -21.23 -12.67
N MET A 9 -5.44 -22.47 -13.16
CA MET A 9 -6.53 -23.43 -13.36
C MET A 9 -6.44 -24.74 -12.56
N LYS A 10 -5.27 -25.14 -12.04
CA LYS A 10 -5.02 -26.12 -10.95
C LYS A 10 -6.09 -27.22 -10.78
N LEU A 11 -6.20 -28.12 -11.76
CA LEU A 11 -7.10 -29.29 -11.74
C LEU A 11 -8.61 -28.96 -11.65
N ARG A 12 -9.02 -27.71 -11.92
CA ARG A 12 -10.40 -27.39 -12.32
C ARG A 12 -10.58 -27.76 -13.79
N LEU A 13 -11.71 -28.38 -14.13
CA LEU A 13 -12.09 -28.65 -15.53
C LEU A 13 -12.42 -27.35 -16.29
N PRO A 14 -12.26 -27.30 -17.63
CA PRO A 14 -12.50 -26.08 -18.39
C PRO A 14 -13.99 -25.71 -18.45
N ALA A 15 -14.31 -24.41 -18.38
CA ALA A 15 -15.68 -23.90 -18.51
C ALA A 15 -16.35 -24.20 -19.88
N SER A 16 -15.53 -24.48 -20.90
CA SER A 16 -15.92 -25.13 -22.14
C SER A 16 -14.78 -26.06 -22.55
N PRO A 17 -14.87 -27.38 -22.32
CA PRO A 17 -13.80 -28.33 -22.68
C PRO A 17 -13.55 -28.40 -24.20
N GLU A 18 -14.59 -28.17 -24.99
CA GLU A 18 -14.57 -28.08 -26.45
C GLU A 18 -13.63 -26.98 -26.96
N THR A 19 -13.80 -25.75 -26.45
CA THR A 19 -13.01 -24.58 -26.88
C THR A 19 -11.76 -24.32 -26.03
N HIS A 20 -11.43 -25.23 -25.09
CA HIS A 20 -10.23 -25.16 -24.25
C HIS A 20 -8.92 -25.26 -25.05
N LEU A 21 -8.83 -26.18 -26.02
CA LEU A 21 -7.62 -26.39 -26.82
C LEU A 21 -7.21 -25.10 -27.57
N ASP A 22 -8.18 -24.38 -28.14
CA ASP A 22 -7.92 -23.17 -28.92
C ASP A 22 -7.66 -21.93 -28.06
N MET A 23 -8.04 -21.96 -26.78
CA MET A 23 -7.70 -20.94 -25.78
C MET A 23 -6.17 -20.87 -25.59
N LEU A 24 -5.50 -22.02 -25.44
CA LEU A 24 -4.05 -22.09 -25.34
C LEU A 24 -3.36 -21.71 -26.67
N ARG A 25 -3.94 -22.08 -27.83
CA ARG A 25 -3.42 -21.72 -29.16
C ARG A 25 -3.37 -20.21 -29.39
N HIS A 26 -4.22 -19.43 -28.71
CA HIS A 26 -4.08 -17.97 -28.66
C HIS A 26 -3.08 -17.53 -27.59
N LEU A 27 -3.31 -17.91 -26.32
CA LEU A 27 -2.62 -17.32 -25.17
C LEU A 27 -1.08 -17.43 -25.18
N TYR A 28 -0.54 -18.56 -25.66
CA TYR A 28 0.91 -18.84 -25.62
C TYR A 28 1.61 -18.74 -26.98
N GLN A 29 0.95 -18.23 -28.02
CA GLN A 29 1.43 -18.25 -29.42
C GLN A 29 2.78 -17.53 -29.60
N GLY A 30 3.89 -18.29 -29.72
CA GLY A 30 5.24 -17.73 -29.83
C GLY A 30 5.76 -17.02 -28.57
N CYS A 31 5.15 -17.24 -27.41
CA CYS A 31 5.59 -16.66 -26.15
C CYS A 31 6.91 -17.30 -25.68
N GLN A 32 7.80 -16.49 -25.08
CA GLN A 32 9.13 -16.89 -24.61
C GLN A 32 9.27 -16.83 -23.08
N VAL A 33 8.60 -15.90 -22.40
CA VAL A 33 8.66 -15.77 -20.93
C VAL A 33 7.24 -15.72 -20.34
N VAL A 34 6.93 -16.62 -19.41
CA VAL A 34 5.61 -16.74 -18.78
C VAL A 34 5.61 -16.07 -17.40
N GLN A 35 4.95 -14.92 -17.30
CA GLN A 35 4.61 -14.22 -16.06
C GLN A 35 3.44 -14.91 -15.36
N GLY A 36 3.72 -16.07 -14.75
CA GLY A 36 2.73 -16.93 -14.11
C GLY A 36 3.09 -18.40 -14.26
N ASN A 37 2.09 -19.29 -14.20
CA ASN A 37 2.28 -20.73 -14.30
C ASN A 37 2.00 -21.23 -15.73
N LEU A 38 2.74 -22.25 -16.17
CA LEU A 38 2.48 -22.94 -17.43
C LEU A 38 1.70 -24.22 -17.15
N GLU A 39 0.38 -24.14 -17.33
CA GLU A 39 -0.54 -25.26 -17.08
C GLU A 39 -1.06 -25.86 -18.39
N LEU A 40 -0.95 -27.18 -18.54
CA LEU A 40 -1.43 -27.94 -19.70
C LEU A 40 -2.38 -29.05 -19.19
N THR A 41 -3.69 -28.86 -19.42
CA THR A 41 -4.76 -29.61 -18.75
C THR A 41 -5.79 -30.19 -19.72
N TYR A 42 -6.14 -31.47 -19.54
CA TYR A 42 -7.20 -32.17 -20.28
C TYR A 42 -7.06 -32.16 -21.83
N LEU A 43 -5.83 -32.06 -22.34
CA LEU A 43 -5.54 -31.90 -23.77
C LEU A 43 -5.55 -33.28 -24.48
N PRO A 44 -6.35 -33.47 -25.55
CA PRO A 44 -6.53 -34.78 -26.20
C PRO A 44 -5.38 -35.15 -27.14
N THR A 45 -5.33 -36.42 -27.56
CA THR A 45 -4.28 -36.98 -28.46
C THR A 45 -4.13 -36.24 -29.80
N ASN A 46 -5.20 -35.60 -30.28
CA ASN A 46 -5.24 -34.82 -31.53
C ASN A 46 -4.67 -33.39 -31.41
N ALA A 47 -4.19 -32.98 -30.22
CA ALA A 47 -3.82 -31.59 -29.94
C ALA A 47 -2.49 -31.17 -30.62
N SER A 48 -2.58 -30.33 -31.66
CA SER A 48 -1.42 -29.73 -32.33
C SER A 48 -0.84 -28.56 -31.52
N LEU A 49 -0.16 -28.89 -30.40
CA LEU A 49 0.36 -27.94 -29.42
C LEU A 49 1.69 -27.26 -29.85
N SER A 50 2.11 -27.38 -31.11
CA SER A 50 3.46 -27.00 -31.58
C SER A 50 3.84 -25.54 -31.35
N PHE A 51 2.86 -24.64 -31.20
CA PHE A 51 3.03 -23.23 -30.84
C PHE A 51 3.69 -22.99 -29.46
N LEU A 52 3.76 -24.00 -28.59
CA LEU A 52 4.46 -23.95 -27.30
C LEU A 52 6.00 -24.00 -27.44
N GLN A 53 6.54 -24.26 -28.64
CA GLN A 53 7.97 -24.49 -28.87
C GLN A 53 8.90 -23.36 -28.43
N ASP A 54 8.39 -22.13 -28.25
CA ASP A 54 9.18 -20.92 -28.04
C ASP A 54 9.39 -20.56 -26.57
N ILE A 55 8.72 -21.23 -25.64
CA ILE A 55 8.79 -20.89 -24.21
C ILE A 55 10.20 -21.20 -23.68
N GLN A 56 10.91 -20.17 -23.23
CA GLN A 56 12.27 -20.22 -22.68
C GLN A 56 12.26 -20.23 -21.15
N GLU A 57 11.38 -19.47 -20.50
CA GLU A 57 11.34 -19.33 -19.04
C GLU A 57 9.91 -19.20 -18.49
N VAL A 58 9.69 -19.74 -17.29
CA VAL A 58 8.41 -19.65 -16.54
C VAL A 58 8.72 -19.09 -15.13
N GLN A 59 8.08 -17.97 -14.75
CA GLN A 59 8.31 -17.37 -13.44
C GLN A 59 7.62 -18.14 -12.30
N GLY A 60 6.43 -18.72 -12.55
CA GLY A 60 5.71 -19.60 -11.62
C GLY A 60 6.22 -21.05 -11.68
N TYR A 61 5.28 -22.00 -11.73
CA TYR A 61 5.56 -23.44 -11.89
C TYR A 61 4.97 -23.99 -13.21
N VAL A 62 5.31 -25.25 -13.53
CA VAL A 62 4.75 -26.01 -14.66
C VAL A 62 3.87 -27.15 -14.15
N LEU A 63 2.65 -27.30 -14.69
CA LEU A 63 1.70 -28.36 -14.35
C LEU A 63 1.13 -29.01 -15.62
N ILE A 64 1.45 -30.29 -15.86
CA ILE A 64 1.00 -31.06 -17.02
C ILE A 64 0.10 -32.19 -16.52
N ALA A 65 -1.23 -32.02 -16.61
CA ALA A 65 -2.19 -32.86 -15.89
C ALA A 65 -3.38 -33.38 -16.73
N HIS A 66 -3.76 -34.65 -16.52
CA HIS A 66 -4.95 -35.31 -17.10
C HIS A 66 -5.00 -35.35 -18.64
N ASN A 67 -3.86 -35.20 -19.33
CA ASN A 67 -3.80 -35.11 -20.80
C ASN A 67 -3.69 -36.48 -21.47
N GLN A 68 -4.22 -36.58 -22.69
CA GLN A 68 -4.10 -37.74 -23.59
C GLN A 68 -3.16 -37.45 -24.78
N VAL A 69 -2.25 -36.48 -24.68
CA VAL A 69 -1.14 -36.35 -25.63
C VAL A 69 -0.02 -37.36 -25.33
N ARG A 70 0.64 -37.86 -26.38
CA ARG A 70 1.79 -38.78 -26.30
C ARG A 70 3.09 -38.08 -25.88
N GLN A 71 3.19 -36.77 -26.16
CA GLN A 71 4.41 -35.96 -26.05
C GLN A 71 4.06 -34.47 -25.94
N VAL A 72 4.96 -33.67 -25.36
CA VAL A 72 4.77 -32.22 -25.16
C VAL A 72 5.85 -31.40 -25.90
N PRO A 73 5.49 -30.41 -26.74
CA PRO A 73 6.45 -29.66 -27.56
C PRO A 73 7.09 -28.49 -26.78
N LEU A 74 7.92 -28.81 -25.78
CA LEU A 74 8.50 -27.88 -24.80
C LEU A 74 10.05 -27.85 -24.84
N GLN A 75 10.67 -28.24 -25.95
CA GLN A 75 12.11 -28.54 -26.06
C GLN A 75 13.04 -27.33 -25.84
N ARG A 76 12.49 -26.10 -25.80
CA ARG A 76 13.23 -24.82 -25.69
C ARG A 76 13.25 -24.23 -24.27
N LEU A 77 12.50 -24.82 -23.33
CA LEU A 77 12.37 -24.35 -21.95
C LEU A 77 13.70 -24.50 -21.20
N ARG A 78 14.36 -23.36 -20.93
CA ARG A 78 15.69 -23.27 -20.30
C ARG A 78 15.65 -23.47 -18.79
N ILE A 79 14.64 -22.92 -18.11
CA ILE A 79 14.61 -22.72 -16.64
C ILE A 79 13.19 -22.43 -16.12
N VAL A 80 12.93 -22.74 -14.84
CA VAL A 80 11.70 -22.37 -14.11
C VAL A 80 12.02 -21.77 -12.72
N ARG A 81 11.37 -20.65 -12.36
CA ARG A 81 11.78 -19.85 -11.18
C ARG A 81 11.03 -20.12 -9.89
N GLY A 82 9.78 -20.59 -9.92
CA GLY A 82 9.03 -20.91 -8.70
C GLY A 82 8.71 -19.71 -7.79
N THR A 83 8.32 -18.56 -8.38
CA THR A 83 7.72 -17.42 -7.63
C THR A 83 6.35 -17.79 -7.03
N GLN A 84 5.61 -18.69 -7.70
CA GLN A 84 4.55 -19.50 -7.11
C GLN A 84 4.99 -20.97 -7.20
N LEU A 85 4.40 -21.84 -6.36
CA LEU A 85 4.63 -23.30 -6.41
C LEU A 85 3.28 -24.05 -6.35
N PHE A 86 3.22 -25.23 -6.99
CA PHE A 86 2.08 -26.13 -6.88
C PHE A 86 2.07 -26.76 -5.48
N GLU A 87 0.92 -26.71 -4.80
CA GLU A 87 0.76 -27.11 -3.39
C GLU A 87 1.80 -26.44 -2.45
N ASP A 88 2.25 -25.23 -2.79
CA ASP A 88 3.34 -24.49 -2.14
C ASP A 88 4.70 -25.23 -2.10
N ASN A 89 4.83 -26.36 -2.81
CA ASN A 89 5.95 -27.29 -2.72
C ASN A 89 6.70 -27.51 -4.04
N TYR A 90 6.01 -27.57 -5.19
CA TYR A 90 6.58 -28.09 -6.44
C TYR A 90 6.64 -27.05 -7.58
N ALA A 91 7.72 -27.08 -8.37
CA ALA A 91 7.90 -26.23 -9.56
C ALA A 91 7.68 -26.96 -10.90
N LEU A 92 7.69 -28.29 -10.89
CA LEU A 92 7.28 -29.13 -12.02
C LEU A 92 6.39 -30.26 -11.51
N ALA A 93 5.15 -30.32 -12.00
CA ALA A 93 4.17 -31.35 -11.66
C ALA A 93 3.62 -32.04 -12.92
N VAL A 94 3.67 -33.37 -12.97
CA VAL A 94 3.17 -34.20 -14.08
C VAL A 94 2.21 -35.24 -13.52
N LEU A 95 0.90 -35.06 -13.74
CA LEU A 95 -0.15 -35.79 -13.03
C LEU A 95 -1.12 -36.49 -13.98
N ASP A 96 -1.39 -37.76 -13.74
CA ASP A 96 -2.57 -38.47 -14.22
C ASP A 96 -2.71 -38.50 -15.78
N ASN A 97 -1.59 -38.45 -16.53
CA ASN A 97 -1.60 -38.38 -18.00
C ASN A 97 -1.62 -39.77 -18.67
N GLY A 98 -2.37 -39.87 -19.76
CA GLY A 98 -2.84 -41.13 -20.35
C GLY A 98 -4.34 -41.29 -20.08
N ASP A 99 -4.80 -42.51 -19.87
CA ASP A 99 -6.17 -42.80 -19.46
C ASP A 99 -6.24 -43.45 -18.06
N PRO A 100 -7.14 -43.00 -17.14
CA PRO A 100 -7.34 -43.60 -15.81
C PRO A 100 -8.02 -44.99 -15.75
N LEU A 101 -7.86 -45.85 -16.75
CA LEU A 101 -8.47 -47.18 -16.88
C LEU A 101 -10.00 -47.16 -17.09
N ASN A 102 -10.43 -46.39 -18.09
CA ASN A 102 -11.78 -46.40 -18.65
C ASN A 102 -12.06 -47.67 -19.50
N ASN A 103 -13.33 -47.83 -19.87
CA ASN A 103 -13.83 -48.93 -20.73
C ASN A 103 -13.47 -48.77 -22.22
N THR A 104 -12.20 -48.45 -22.54
CA THR A 104 -11.72 -48.08 -23.89
C THR A 104 -10.49 -48.89 -24.32
N THR A 108 -8.22 -50.47 -25.57
CA THR A 108 -8.36 -50.75 -27.02
C THR A 108 -7.43 -49.89 -27.83
N GLY A 109 -7.47 -48.55 -27.74
CA GLY A 109 -6.58 -47.68 -28.52
C GLY A 109 -5.10 -47.90 -28.18
N ALA A 110 -4.27 -48.22 -29.18
CA ALA A 110 -2.88 -48.65 -28.99
C ALA A 110 -1.91 -47.53 -28.57
N SER A 111 -2.27 -46.26 -28.78
CA SER A 111 -1.53 -45.08 -28.30
C SER A 111 -2.52 -44.10 -27.63
N PRO A 112 -3.04 -44.42 -26.43
CA PRO A 112 -4.13 -43.69 -25.76
C PRO A 112 -3.64 -42.41 -25.06
N GLY A 113 -2.59 -41.78 -25.61
CA GLY A 113 -1.88 -40.70 -24.93
C GLY A 113 -0.98 -41.16 -23.79
N GLY A 114 -0.71 -40.22 -22.90
CA GLY A 114 0.26 -40.34 -21.82
C GLY A 114 1.67 -40.03 -22.32
N LEU A 115 2.34 -39.13 -21.62
CA LEU A 115 3.69 -38.67 -21.98
C LEU A 115 4.69 -39.84 -21.94
N ARG A 116 5.34 -40.15 -23.07
CA ARG A 116 6.26 -41.30 -23.19
C ARG A 116 7.62 -41.11 -22.51
N GLU A 117 8.09 -39.88 -22.39
CA GLU A 117 9.49 -39.47 -22.18
C GLU A 117 9.52 -38.16 -21.36
N LEU A 118 10.69 -37.57 -21.06
CA LEU A 118 10.72 -36.18 -20.58
C LEU A 118 10.64 -35.17 -21.74
N GLN A 119 11.57 -35.28 -22.68
CA GLN A 119 11.77 -34.37 -23.83
C GLN A 119 11.77 -32.85 -23.53
N LEU A 120 11.99 -32.43 -22.28
CA LEU A 120 12.25 -31.05 -21.89
C LEU A 120 13.72 -30.67 -22.19
N ARG A 121 14.17 -30.86 -23.43
CA ARG A 121 15.60 -30.99 -23.81
C ARG A 121 16.51 -29.81 -23.44
N SER A 122 15.94 -28.68 -23.03
CA SER A 122 16.64 -27.46 -22.58
C SER A 122 16.70 -27.27 -21.06
N LEU A 123 15.90 -27.98 -20.24
CA LEU A 123 15.67 -27.62 -18.83
C LEU A 123 16.96 -27.79 -18.01
N THR A 124 17.57 -26.67 -17.63
CA THR A 124 18.92 -26.63 -17.04
C THR A 124 18.91 -26.29 -15.55
N GLU A 125 17.92 -25.55 -15.05
CA GLU A 125 17.80 -25.12 -13.65
C GLU A 125 16.34 -25.08 -13.16
N ILE A 126 16.16 -25.34 -11.86
CA ILE A 126 14.96 -25.09 -11.05
C ILE A 126 15.39 -24.26 -9.83
N LEU A 127 14.88 -23.03 -9.69
CA LEU A 127 15.36 -22.09 -8.66
C LEU A 127 14.65 -22.20 -7.29
N LYS A 128 13.43 -22.74 -7.26
CA LYS A 128 12.64 -23.02 -6.04
C LYS A 128 11.77 -24.26 -6.27
N GLY A 129 11.46 -24.97 -5.19
CA GLY A 129 10.49 -26.06 -5.17
C GLY A 129 10.96 -27.38 -5.78
N GLY A 130 10.25 -28.45 -5.43
CA GLY A 130 10.53 -29.82 -5.83
C GLY A 130 9.94 -30.24 -7.18
N VAL A 131 10.05 -31.54 -7.48
CA VAL A 131 9.47 -32.20 -8.66
C VAL A 131 8.45 -33.26 -8.24
N LEU A 132 7.29 -33.28 -8.90
CA LEU A 132 6.18 -34.20 -8.65
C LEU A 132 5.77 -34.93 -9.94
N ILE A 133 5.74 -36.25 -9.92
CA ILE A 133 5.25 -37.08 -11.04
C ILE A 133 4.38 -38.20 -10.45
N GLN A 134 3.10 -38.28 -10.80
CA GLN A 134 2.18 -39.33 -10.32
C GLN A 134 1.22 -39.80 -11.40
N ARG A 135 0.92 -41.12 -11.43
CA ARG A 135 -0.08 -41.78 -12.28
C ARG A 135 0.12 -41.49 -13.77
N ASN A 136 1.32 -41.70 -14.28
CA ASN A 136 1.65 -41.57 -15.70
C ASN A 136 2.20 -42.91 -16.24
N PRO A 137 1.37 -43.98 -16.43
CA PRO A 137 1.86 -45.34 -16.66
C PRO A 137 2.61 -45.55 -17.99
N GLN A 138 2.64 -44.52 -18.84
CA GLN A 138 3.30 -44.47 -20.13
C GLN A 138 4.74 -43.91 -20.07
N LEU A 139 5.15 -43.34 -18.93
CA LEU A 139 6.36 -42.51 -18.82
C LEU A 139 7.65 -43.33 -18.63
N CYS A 140 8.66 -43.06 -19.48
CA CYS A 140 10.01 -43.58 -19.39
C CYS A 140 11.03 -42.51 -18.98
N TYR A 141 12.18 -43.00 -18.50
CA TYR A 141 13.42 -42.26 -18.24
C TYR A 141 13.40 -41.25 -17.09
N GLN A 142 12.25 -40.96 -16.47
CA GLN A 142 12.13 -40.06 -15.31
C GLN A 142 12.96 -40.49 -14.07
N ASP A 143 13.38 -41.75 -14.07
CA ASP A 143 14.15 -42.48 -13.06
C ASP A 143 15.67 -42.49 -13.28
N THR A 144 16.16 -42.23 -14.50
CA THR A 144 17.61 -42.23 -14.83
C THR A 144 18.21 -40.80 -14.93
N ILE A 145 17.62 -39.87 -14.18
CA ILE A 145 17.94 -38.44 -14.20
C ILE A 145 18.70 -38.03 -12.94
N LEU A 146 19.79 -37.28 -13.12
CA LEU A 146 20.45 -36.62 -12.01
C LEU A 146 19.76 -35.27 -11.72
N TRP A 147 18.56 -35.33 -11.12
CA TRP A 147 17.75 -34.15 -10.77
C TRP A 147 18.50 -33.12 -9.91
N LYS A 148 19.48 -33.58 -9.12
CA LYS A 148 20.37 -32.75 -8.30
C LYS A 148 21.53 -32.09 -9.08
N ASP A 149 21.52 -32.09 -10.41
CA ASP A 149 22.24 -31.10 -11.23
C ASP A 149 21.37 -29.86 -11.49
N ILE A 150 20.06 -30.10 -11.70
CA ILE A 150 19.03 -29.15 -12.12
C ILE A 150 18.47 -28.36 -10.91
N PHE A 151 18.41 -28.96 -9.72
CA PHE A 151 18.09 -28.22 -8.49
C PHE A 151 19.22 -27.23 -8.15
N HIS A 152 18.90 -25.95 -8.12
CA HIS A 152 19.87 -24.86 -7.94
C HIS A 152 20.75 -25.04 -6.70
N LYS A 153 22.09 -25.03 -6.89
CA LYS A 153 23.10 -25.34 -5.86
C LYS A 153 22.90 -24.60 -4.52
N ASN A 154 22.43 -23.36 -4.56
CA ASN A 154 22.33 -22.51 -3.37
C ASN A 154 20.93 -22.51 -2.72
N ASN A 155 19.96 -23.26 -3.27
CA ASN A 155 18.60 -23.36 -2.75
C ASN A 155 18.03 -24.79 -2.91
N GLN A 156 18.78 -25.76 -2.39
CA GLN A 156 18.52 -27.21 -2.58
C GLN A 156 17.34 -27.72 -1.73
N LEU A 157 16.15 -27.17 -1.92
CA LEU A 157 14.88 -27.63 -1.36
C LEU A 157 14.38 -28.90 -2.09
N ALA A 158 15.25 -29.90 -2.18
CA ALA A 158 15.22 -30.96 -3.19
C ALA A 158 14.25 -32.13 -2.86
N LEU A 159 13.03 -31.83 -2.36
CA LEU A 159 11.99 -32.85 -2.28
C LEU A 159 11.57 -33.30 -3.69
N THR A 160 11.38 -34.59 -3.89
CA THR A 160 11.03 -35.17 -5.18
C THR A 160 10.17 -36.42 -4.95
N LEU A 161 9.01 -36.49 -5.61
CA LEU A 161 8.11 -37.63 -5.53
C LEU A 161 7.75 -38.06 -6.96
N ILE A 162 8.39 -39.13 -7.44
CA ILE A 162 8.30 -39.59 -8.83
C ILE A 162 7.78 -41.03 -8.88
N ASP A 163 6.69 -41.22 -9.62
CA ASP A 163 6.05 -42.50 -9.88
C ASP A 163 6.71 -43.25 -11.05
N THR A 164 6.83 -44.57 -10.87
CA THR A 164 7.49 -45.52 -11.78
C THR A 164 6.62 -46.75 -12.07
N ASN A 165 5.33 -46.75 -11.67
CA ASN A 165 4.36 -47.81 -11.93
C ASN A 165 3.92 -47.82 -13.41
N ARG A 166 4.84 -48.23 -14.28
CA ARG A 166 4.66 -48.31 -15.74
C ARG A 166 3.74 -49.48 -16.10
N SER A 167 2.87 -49.27 -17.09
CA SER A 167 2.08 -50.33 -17.75
C SER A 167 2.64 -50.76 -19.10
N ARG A 168 3.83 -50.26 -19.50
CA ARG A 168 4.55 -50.65 -20.71
C ARG A 168 6.06 -50.80 -20.48
N ALA A 169 6.74 -51.42 -21.44
CA ALA A 169 8.19 -51.48 -21.49
C ALA A 169 8.84 -50.13 -21.88
N CYS A 170 10.09 -49.96 -21.46
CA CYS A 170 11.02 -48.91 -21.88
C CYS A 170 12.31 -49.58 -22.39
N HIS A 171 12.69 -49.33 -23.65
CA HIS A 171 14.03 -49.67 -24.13
C HIS A 171 15.02 -48.54 -23.81
N PRO A 172 16.33 -48.79 -23.70
CA PRO A 172 17.30 -47.74 -23.35
C PRO A 172 17.34 -46.58 -24.36
N CYS A 173 17.59 -45.37 -23.85
CA CYS A 173 17.93 -44.20 -24.66
C CYS A 173 19.12 -44.44 -25.60
N SER A 174 19.25 -43.62 -26.65
CA SER A 174 20.34 -43.71 -27.62
C SER A 174 21.75 -43.84 -26.96
N PRO A 175 22.52 -44.91 -27.27
CA PRO A 175 23.88 -45.11 -26.76
C PRO A 175 24.94 -44.08 -27.19
N MET A 176 24.54 -43.01 -27.88
CA MET A 176 25.38 -41.83 -28.15
C MET A 176 25.51 -40.91 -26.92
N CYS A 177 24.66 -41.10 -25.90
CA CYS A 177 24.77 -40.37 -24.64
C CYS A 177 25.90 -40.92 -23.75
N LYS A 178 26.45 -40.08 -22.87
CA LYS A 178 27.62 -40.36 -22.01
C LYS A 178 27.26 -41.24 -20.77
N GLY A 179 26.59 -42.37 -21.03
CA GLY A 179 25.81 -43.13 -20.04
C GLY A 179 24.30 -42.85 -20.15
N SER A 180 23.50 -43.41 -19.24
CA SER A 180 22.02 -43.41 -19.28
C SER A 180 21.34 -42.06 -18.94
N ARG A 181 22.01 -40.94 -19.20
CA ARG A 181 21.56 -39.58 -18.86
C ARG A 181 20.84 -38.99 -20.08
N CYS A 182 19.51 -39.06 -20.09
CA CYS A 182 18.68 -38.75 -21.25
C CYS A 182 17.32 -38.13 -20.88
N TRP A 183 16.84 -37.24 -21.74
CA TRP A 183 15.47 -36.73 -21.80
C TRP A 183 14.50 -37.70 -22.52
N GLY A 184 15.04 -38.53 -23.42
CA GLY A 184 14.28 -39.28 -24.41
C GLY A 184 15.13 -40.29 -25.20
N GLU A 185 14.53 -40.88 -26.23
CA GLU A 185 14.96 -42.10 -26.89
C GLU A 185 16.02 -41.86 -27.99
N SER A 186 16.05 -40.67 -28.60
CA SER A 186 16.91 -40.28 -29.73
C SER A 186 18.32 -39.83 -29.34
N SER A 187 19.22 -39.69 -30.32
CA SER A 187 20.56 -39.14 -30.15
C SER A 187 20.58 -37.61 -29.98
N GLU A 188 19.46 -36.92 -30.25
CA GLU A 188 19.25 -35.53 -29.82
C GLU A 188 18.95 -35.41 -28.31
N ASP A 189 18.66 -36.51 -27.60
CA ASP A 189 17.92 -36.47 -26.33
C ASP A 189 18.80 -36.70 -25.10
N CYS A 190 20.09 -36.42 -25.14
CA CYS A 190 20.98 -36.57 -23.99
C CYS A 190 20.77 -35.47 -22.94
N GLN A 191 20.84 -35.82 -21.65
CA GLN A 191 20.74 -34.87 -20.53
C GLN A 191 21.99 -33.97 -20.49
N SER A 192 21.79 -32.66 -20.26
CA SER A 192 22.83 -31.72 -19.89
C SER A 192 23.22 -31.85 -18.41
N LEU A 193 24.51 -31.71 -18.11
CA LEU A 193 25.06 -31.59 -16.76
C LEU A 193 25.84 -30.28 -16.66
N THR A 194 25.62 -29.53 -15.60
CA THR A 194 26.12 -28.15 -15.41
C THR A 194 26.59 -27.87 -13.98
N ARG A 195 26.57 -28.90 -13.12
CA ARG A 195 26.92 -28.86 -11.69
C ARG A 195 27.60 -30.15 -11.20
N THR A 196 27.35 -31.33 -11.79
CA THR A 196 28.04 -32.60 -11.46
C THR A 196 29.27 -32.89 -12.31
N VAL A 197 29.53 -32.07 -13.34
CA VAL A 197 30.80 -32.04 -14.12
C VAL A 197 31.67 -30.83 -13.74
N CYS A 198 31.32 -30.13 -12.65
CA CYS A 198 32.00 -28.95 -12.12
C CYS A 198 32.53 -29.24 -10.70
N ALA A 199 33.53 -28.47 -10.24
CA ALA A 199 34.13 -28.65 -8.91
C ALA A 199 34.51 -27.32 -8.24
N GLY A 200 34.70 -27.35 -6.92
CA GLY A 200 35.21 -26.22 -6.13
C GLY A 200 34.35 -24.96 -6.26
N GLY A 201 34.98 -23.83 -6.61
CA GLY A 201 34.30 -22.56 -6.81
C GLY A 201 33.41 -22.47 -8.06
N CYS A 202 33.49 -23.43 -8.99
CA CYS A 202 32.68 -23.42 -10.20
C CYS A 202 31.24 -23.88 -9.92
N ALA A 203 30.41 -22.96 -9.43
CA ALA A 203 28.98 -23.16 -9.19
C ALA A 203 28.19 -23.53 -10.46
N ARG A 204 28.73 -23.20 -11.64
CA ARG A 204 28.23 -23.53 -12.98
C ARG A 204 29.39 -23.84 -13.90
N CYS A 205 29.22 -24.77 -14.83
CA CYS A 205 30.13 -24.99 -15.95
C CYS A 205 29.43 -25.63 -17.17
N LYS A 206 30.11 -25.60 -18.32
CA LYS A 206 29.71 -26.25 -19.59
C LYS A 206 30.60 -27.46 -19.97
N GLY A 207 31.51 -27.85 -19.08
CA GLY A 207 32.61 -28.80 -19.29
C GLY A 207 33.56 -28.84 -18.08
N PRO A 208 34.58 -29.71 -18.08
CA PRO A 208 35.40 -30.00 -16.91
C PRO A 208 36.51 -28.98 -16.59
N LEU A 209 36.85 -28.05 -17.49
CA LEU A 209 37.98 -27.12 -17.31
C LEU A 209 37.57 -25.88 -16.48
N PRO A 210 38.53 -25.18 -15.83
CA PRO A 210 38.27 -23.87 -15.22
C PRO A 210 37.75 -22.80 -16.21
N THR A 211 38.11 -22.91 -17.49
CA THR A 211 37.59 -22.08 -18.60
C THR A 211 36.16 -22.46 -19.02
N ASP A 212 35.74 -23.67 -18.69
CA ASP A 212 34.40 -24.17 -18.98
C ASP A 212 33.39 -23.70 -17.92
N CYS A 213 33.86 -23.19 -16.78
CA CYS A 213 33.02 -22.53 -15.79
C CYS A 213 32.28 -21.29 -16.35
N CYS A 214 31.20 -20.88 -15.68
CA CYS A 214 30.36 -19.75 -16.09
C CYS A 214 30.39 -18.61 -15.07
N HIS A 215 29.92 -17.42 -15.46
CA HIS A 215 29.76 -16.29 -14.55
C HIS A 215 28.64 -16.52 -13.52
N GLU A 216 28.82 -15.97 -12.32
CA GLU A 216 27.94 -16.11 -11.14
C GLU A 216 26.48 -15.68 -11.38
N GLN A 217 26.22 -14.73 -12.27
CA GLN A 217 24.87 -14.25 -12.58
C GLN A 217 24.10 -15.18 -13.53
N CYS A 218 24.73 -16.23 -14.06
CA CYS A 218 24.20 -17.06 -15.13
C CYS A 218 23.63 -18.38 -14.61
N ALA A 219 22.30 -18.54 -14.67
CA ALA A 219 21.61 -19.73 -14.18
C ALA A 219 21.61 -20.86 -15.23
N ALA A 220 20.97 -20.68 -16.39
CA ALA A 220 20.76 -21.75 -17.37
C ALA A 220 21.99 -22.02 -18.29
N GLY A 221 23.21 -21.84 -17.78
CA GLY A 221 24.46 -22.08 -18.48
C GLY A 221 24.99 -20.88 -19.31
N CYS A 222 26.18 -21.08 -19.89
CA CYS A 222 26.93 -20.09 -20.66
C CYS A 222 27.62 -20.71 -21.88
N THR A 223 28.12 -19.86 -22.78
CA THR A 223 28.84 -20.20 -24.01
C THR A 223 30.31 -19.81 -23.89
N GLY A 224 30.61 -18.51 -23.91
CA GLY A 224 31.84 -17.95 -23.35
C GLY A 224 31.82 -17.90 -21.82
N PRO A 225 32.86 -17.32 -21.17
CA PRO A 225 32.95 -17.26 -19.71
C PRO A 225 32.33 -16.00 -19.07
N LYS A 226 31.95 -14.98 -19.87
CA LYS A 226 31.52 -13.66 -19.35
C LYS A 226 30.03 -13.66 -19.01
N HIS A 227 29.62 -12.65 -18.25
CA HIS A 227 28.22 -12.35 -17.90
C HIS A 227 27.32 -12.04 -19.11
N SER A 228 27.90 -11.63 -20.25
CA SER A 228 27.25 -11.42 -21.54
C SER A 228 26.95 -12.73 -22.31
N ASP A 229 27.57 -13.85 -21.94
CA ASP A 229 27.69 -15.03 -22.80
C ASP A 229 26.68 -16.13 -22.44
N CYS A 230 25.60 -15.75 -21.74
CA CYS A 230 24.79 -16.63 -20.91
C CYS A 230 23.37 -16.86 -21.43
N LEU A 231 22.84 -18.06 -21.17
CA LEU A 231 21.60 -18.56 -21.81
C LEU A 231 20.32 -18.22 -21.03
N ALA A 232 20.40 -18.02 -19.71
CA ALA A 232 19.42 -17.31 -18.88
C ALA A 232 20.08 -16.95 -17.54
N CYS A 233 19.68 -15.84 -16.92
CA CYS A 233 20.38 -15.27 -15.77
C CYS A 233 19.51 -15.14 -14.51
N LEU A 234 20.16 -15.33 -13.36
CA LEU A 234 19.58 -15.71 -12.06
C LEU A 234 18.72 -14.59 -11.47
N HIS A 235 19.25 -13.37 -11.44
CA HIS A 235 18.54 -12.16 -11.02
C HIS A 235 17.85 -11.52 -12.23
N PHE A 236 18.49 -10.53 -12.88
CA PHE A 236 17.89 -9.81 -14.02
C PHE A 236 18.67 -10.00 -15.33
N ASN A 237 17.92 -9.87 -16.44
CA ASN A 237 18.44 -9.49 -17.75
C ASN A 237 18.11 -8.02 -18.02
N HIS A 238 19.13 -7.21 -18.30
CA HIS A 238 19.00 -5.86 -18.81
C HIS A 238 19.75 -5.74 -20.14
N SER A 239 19.01 -5.67 -21.25
CA SER A 239 19.59 -5.41 -22.59
C SER A 239 20.69 -6.39 -23.03
N GLY A 240 20.69 -7.63 -22.51
CA GLY A 240 21.76 -8.61 -22.75
C GLY A 240 22.91 -8.57 -21.75
N ILE A 241 22.89 -7.65 -20.77
CA ILE A 241 23.73 -7.68 -19.58
C ILE A 241 22.99 -8.41 -18.47
N CYS A 242 23.64 -9.42 -17.87
CA CYS A 242 23.10 -10.11 -16.69
C CYS A 242 23.48 -9.37 -15.41
N GLU A 243 22.58 -8.47 -14.96
CA GLU A 243 22.81 -7.62 -13.79
C GLU A 243 22.18 -8.20 -12.51
N LEU A 244 22.89 -8.04 -11.38
CA LEU A 244 22.41 -8.41 -10.04
C LEU A 244 21.16 -7.60 -9.64
N HIS A 245 21.13 -6.32 -10.03
CA HIS A 245 20.04 -5.37 -9.79
C HIS A 245 19.83 -4.50 -11.03
N CYS A 246 18.62 -3.99 -11.22
CA CYS A 246 18.40 -2.94 -12.23
C CYS A 246 19.04 -1.60 -11.81
N PRO A 247 19.55 -0.78 -12.75
CA PRO A 247 20.24 0.46 -12.42
C PRO A 247 19.28 1.50 -11.80
N ALA A 248 19.80 2.25 -10.82
CA ALA A 248 19.01 3.14 -9.98
C ALA A 248 18.42 4.33 -10.76
N LEU A 249 17.20 4.73 -10.39
CA LEU A 249 16.45 5.84 -11.00
C LEU A 249 16.77 7.21 -10.40
N VAL A 250 17.65 7.27 -9.40
CA VAL A 250 18.02 8.49 -8.66
C VAL A 250 19.51 8.48 -8.33
N THR A 251 20.11 9.68 -8.39
CA THR A 251 21.48 10.02 -8.00
C THR A 251 21.43 10.94 -6.78
N TYR A 252 22.35 10.79 -5.84
CA TYR A 252 22.34 11.48 -4.55
C TYR A 252 23.61 12.30 -4.28
N ASN A 253 23.49 13.27 -3.37
CA ASN A 253 24.60 14.07 -2.83
C ASN A 253 25.62 13.27 -1.97
N THR A 254 25.31 12.03 -1.55
CA THR A 254 26.14 11.19 -0.64
C THR A 254 26.34 11.70 0.81
N ASP A 255 26.21 13.01 1.04
CA ASP A 255 26.20 13.63 2.38
C ASP A 255 24.81 14.19 2.71
N THR A 256 24.32 15.17 1.92
CA THR A 256 22.98 15.75 2.09
C THR A 256 21.86 14.75 1.75
N PHE A 257 22.16 13.75 0.91
CA PHE A 257 21.19 12.93 0.16
C PHE A 257 20.09 13.70 -0.59
N GLU A 258 20.36 14.96 -0.93
CA GLU A 258 19.62 15.70 -1.95
C GLU A 258 19.70 14.96 -3.32
N SER A 259 18.61 15.03 -4.09
CA SER A 259 18.27 14.05 -5.13
C SER A 259 18.18 14.64 -6.54
N MET A 260 18.76 13.93 -7.51
CA MET A 260 18.69 14.20 -8.94
C MET A 260 18.17 12.95 -9.67
N PRO A 261 17.19 13.05 -10.59
CA PRO A 261 16.72 11.88 -11.33
C PRO A 261 17.81 11.35 -12.27
N ASN A 262 17.96 10.02 -12.35
CA ASN A 262 18.92 9.38 -13.27
C ASN A 262 18.22 8.90 -14.56
N PRO A 263 18.55 9.43 -15.75
CA PRO A 263 17.99 8.96 -17.01
C PRO A 263 18.46 7.55 -17.41
N GLU A 264 19.55 7.03 -16.81
CA GLU A 264 20.04 5.67 -17.05
C GLU A 264 19.43 4.62 -16.10
N GLY A 265 18.42 4.99 -15.30
CA GLY A 265 17.70 4.04 -14.46
C GLY A 265 16.78 3.09 -15.25
N ARG A 266 16.30 2.02 -14.60
CA ARG A 266 15.27 1.10 -15.12
C ARG A 266 14.29 0.70 -14.02
N TYR A 267 13.08 0.32 -14.41
CA TYR A 267 12.11 -0.37 -13.56
C TYR A 267 12.38 -1.89 -13.50
N THR A 268 11.97 -2.55 -12.41
CA THR A 268 11.99 -4.01 -12.28
C THR A 268 10.66 -4.61 -12.77
N PHE A 269 10.73 -5.59 -13.67
CA PHE A 269 9.56 -6.29 -14.23
C PHE A 269 9.91 -7.75 -14.57
N GLY A 270 9.34 -8.70 -13.82
CA GLY A 270 9.64 -10.13 -13.96
C GLY A 270 11.15 -10.41 -13.84
N ALA A 271 11.71 -11.15 -14.80
CA ALA A 271 13.14 -11.42 -14.92
C ALA A 271 13.97 -10.27 -15.54
N SER A 272 13.40 -9.06 -15.72
CA SER A 272 13.97 -8.02 -16.59
C SER A 272 14.02 -6.62 -16.00
N CYS A 273 14.89 -5.79 -16.57
CA CYS A 273 14.97 -4.34 -16.31
C CYS A 273 14.49 -3.55 -17.53
N VAL A 274 13.44 -2.74 -17.40
CA VAL A 274 12.77 -2.05 -18.51
C VAL A 274 12.63 -0.55 -18.22
N THR A 275 12.76 0.31 -19.23
CA THR A 275 12.70 1.78 -19.06
C THR A 275 11.28 2.31 -18.82
N ALA A 276 10.24 1.49 -19.04
CA ALA A 276 8.84 1.78 -18.75
C ALA A 276 8.06 0.48 -18.49
N CYS A 277 6.91 0.55 -17.81
CA CYS A 277 6.03 -0.60 -17.63
C CYS A 277 5.13 -0.82 -18.86
N PRO A 278 4.79 -2.07 -19.25
CA PRO A 278 3.86 -2.32 -20.36
C PRO A 278 2.43 -1.81 -20.11
N TYR A 279 1.68 -1.57 -21.18
CA TYR A 279 0.43 -0.79 -21.27
C TYR A 279 -0.52 -0.81 -20.05
N ASN A 280 -0.91 -1.98 -19.55
CA ASN A 280 -1.97 -2.12 -18.54
C ASN A 280 -1.46 -2.09 -17.08
N TYR A 281 -0.14 -2.18 -16.87
CA TYR A 281 0.48 -2.17 -15.54
C TYR A 281 0.58 -0.74 -14.96
N LEU A 282 1.07 -0.67 -13.72
CA LEU A 282 1.31 0.57 -13.00
C LEU A 282 2.81 0.82 -12.83
N SER A 283 3.26 2.06 -13.05
CA SER A 283 4.60 2.51 -12.66
C SER A 283 4.62 3.01 -11.21
N THR A 284 5.69 2.74 -10.46
CA THR A 284 5.78 3.07 -9.02
C THR A 284 7.05 3.89 -8.72
N ASP A 285 7.00 4.77 -7.72
CA ASP A 285 8.11 5.66 -7.31
C ASP A 285 9.47 4.93 -7.13
N VAL A 286 9.48 3.75 -6.51
CA VAL A 286 10.71 2.94 -6.28
C VAL A 286 11.11 2.08 -7.50
N GLY A 287 10.43 2.28 -8.63
CA GLY A 287 10.73 1.59 -9.89
C GLY A 287 10.16 0.17 -10.01
N SER A 288 9.12 -0.20 -9.27
CA SER A 288 8.40 -1.46 -9.50
C SER A 288 7.24 -1.29 -10.49
N CYS A 289 7.10 -2.26 -11.40
CA CYS A 289 5.94 -2.38 -12.28
C CYS A 289 4.89 -3.33 -11.67
N THR A 290 3.68 -2.84 -11.37
CA THR A 290 2.70 -3.54 -10.50
C THR A 290 1.28 -3.61 -11.08
N LEU A 291 0.38 -4.33 -10.38
CA LEU A 291 -1.04 -4.50 -10.72
C LEU A 291 -1.97 -3.56 -9.91
N VAL A 292 -1.58 -3.26 -8.68
CA VAL A 292 -2.29 -2.45 -7.68
C VAL A 292 -1.24 -1.54 -7.03
N CYS A 293 -1.62 -0.32 -6.63
CA CYS A 293 -0.68 0.59 -6.00
C CYS A 293 -0.28 0.17 -4.58
N PRO A 294 0.95 0.49 -4.16
CA PRO A 294 1.33 0.46 -2.74
C PRO A 294 0.40 1.30 -1.84
N LEU A 295 0.25 0.87 -0.58
CA LEU A 295 -0.50 1.61 0.45
C LEU A 295 0.12 3.01 0.69
N HIS A 296 -0.74 4.03 0.69
CA HIS A 296 -0.47 5.49 0.59
C HIS A 296 0.01 6.03 -0.77
N ASN A 297 -0.12 5.23 -1.83
CA ASN A 297 -0.01 5.68 -3.21
C ASN A 297 -1.35 5.50 -3.95
N GLN A 298 -1.72 6.47 -4.79
CA GLN A 298 -2.92 6.44 -5.63
C GLN A 298 -2.53 6.14 -7.09
N GLU A 299 -3.36 5.33 -7.78
CA GLU A 299 -3.34 5.20 -9.24
C GLU A 299 -3.83 6.51 -9.87
N VAL A 300 -2.95 7.24 -10.56
CA VAL A 300 -3.30 8.48 -11.26
C VAL A 300 -3.22 8.34 -12.78
N THR A 301 -4.09 9.12 -13.44
CA THR A 301 -4.18 9.28 -14.89
C THR A 301 -2.98 10.06 -15.42
N ALA A 302 -1.82 9.40 -15.51
CA ALA A 302 -0.61 9.98 -16.06
C ALA A 302 -0.75 10.29 -17.58
N GLU A 303 -0.03 11.33 -18.03
CA GLU A 303 -0.20 11.98 -19.34
C GLU A 303 -0.17 11.02 -20.54
N ASP A 304 0.83 10.13 -20.59
CA ASP A 304 1.03 9.15 -21.67
C ASP A 304 0.09 7.93 -21.59
N GLY A 305 -0.89 7.92 -20.68
CA GLY A 305 -1.78 6.79 -20.42
C GLY A 305 -1.14 5.64 -19.60
N THR A 306 0.18 5.51 -19.60
CA THR A 306 0.96 4.61 -18.73
C THR A 306 0.88 5.08 -17.27
N GLN A 307 -0.10 4.54 -16.54
CA GLN A 307 -0.50 5.03 -15.20
C GLN A 307 0.64 4.98 -14.17
N ARG A 308 0.57 5.85 -13.14
CA ARG A 308 1.53 5.91 -12.03
C ARG A 308 0.86 5.74 -10.67
N CYS A 309 1.60 5.12 -9.74
CA CYS A 309 1.33 5.05 -8.32
C CYS A 309 2.19 6.08 -7.58
N GLU A 310 1.61 7.25 -7.32
CA GLU A 310 2.27 8.36 -6.64
C GLU A 310 1.52 8.79 -5.37
N LYS A 311 2.18 9.61 -4.55
CA LYS A 311 1.97 9.63 -3.10
C LYS A 311 0.86 10.58 -2.67
N CYS A 312 -0.02 10.11 -1.78
CA CYS A 312 -1.09 10.93 -1.24
C CYS A 312 -0.54 11.92 -0.18
N SER A 313 -0.28 13.19 -0.56
CA SER A 313 0.14 14.26 0.36
C SER A 313 -0.93 14.73 1.37
N LYS A 314 -2.13 14.13 1.27
CA LYS A 314 -3.25 14.10 2.23
C LYS A 314 -3.70 12.63 2.32
N PRO A 315 -4.55 12.20 3.28
CA PRO A 315 -5.13 10.85 3.25
C PRO A 315 -5.79 10.53 1.90
N CYS A 316 -5.49 9.35 1.32
CA CYS A 316 -5.99 8.97 -0.01
C CYS A 316 -7.53 8.88 -0.05
N ALA A 317 -8.12 9.04 -1.23
CA ALA A 317 -9.57 8.86 -1.40
C ALA A 317 -9.99 7.40 -1.19
N ARG A 318 -11.16 7.19 -0.57
CA ARG A 318 -11.74 5.86 -0.28
C ARG A 318 -12.40 5.23 -1.52
N VAL A 319 -11.58 4.83 -2.48
CA VAL A 319 -11.97 4.06 -3.69
C VAL A 319 -12.63 2.74 -3.27
N CYS A 320 -13.58 2.27 -4.09
CA CYS A 320 -14.41 1.11 -3.78
C CYS A 320 -13.72 -0.20 -4.22
N TYR A 321 -13.50 -1.12 -3.28
CA TYR A 321 -12.93 -2.44 -3.58
C TYR A 321 -13.94 -3.34 -4.29
N GLY A 322 -13.47 -4.07 -5.30
CA GLY A 322 -14.18 -5.21 -5.88
C GLY A 322 -13.86 -6.52 -5.15
N LEU A 323 -14.50 -7.60 -5.58
CA LEU A 323 -14.17 -8.96 -5.14
C LEU A 323 -12.70 -9.27 -5.47
N GLY A 324 -12.02 -9.99 -4.57
CA GLY A 324 -10.59 -10.32 -4.72
C GLY A 324 -9.62 -9.25 -4.23
N MET A 325 -10.08 -8.11 -3.67
CA MET A 325 -9.20 -7.07 -3.10
C MET A 325 -9.64 -6.61 -1.71
N GLU A 326 -8.65 -6.33 -0.84
CA GLU A 326 -8.74 -6.02 0.60
C GLU A 326 -10.00 -6.49 1.35
N HIS A 327 -11.03 -5.64 1.38
CA HIS A 327 -12.29 -5.86 2.11
C HIS A 327 -13.06 -7.10 1.63
N LEU A 328 -12.91 -7.47 0.35
CA LEU A 328 -13.67 -8.51 -0.33
C LEU A 328 -12.77 -9.60 -0.96
N ARG A 329 -11.56 -9.82 -0.46
CA ARG A 329 -10.60 -10.82 -1.00
C ARG A 329 -11.19 -12.22 -1.12
N GLU A 330 -11.67 -12.78 -0.02
CA GLU A 330 -12.21 -14.16 0.00
C GLU A 330 -13.63 -14.26 -0.58
N VAL A 331 -14.27 -13.12 -0.87
CA VAL A 331 -15.72 -13.04 -1.11
C VAL A 331 -16.05 -13.44 -2.54
N ARG A 332 -16.74 -14.56 -2.70
CA ARG A 332 -16.98 -15.22 -4.00
C ARG A 332 -18.01 -14.52 -4.90
N ALA A 333 -18.89 -13.69 -4.35
CA ALA A 333 -20.10 -13.23 -5.01
C ALA A 333 -20.47 -11.79 -4.60
N VAL A 334 -21.16 -11.06 -5.49
CA VAL A 334 -22.03 -9.94 -5.07
C VAL A 334 -23.28 -10.52 -4.41
N THR A 335 -23.72 -9.94 -3.28
CA THR A 335 -24.86 -10.39 -2.46
C THR A 335 -25.64 -9.18 -1.92
N SER A 336 -26.74 -9.42 -1.21
CA SER A 336 -27.52 -8.37 -0.52
C SER A 336 -26.71 -7.51 0.47
N ALA A 337 -25.57 -7.99 0.96
CA ALA A 337 -24.74 -7.31 1.94
C ALA A 337 -23.67 -6.41 1.30
N ASN A 338 -22.88 -6.91 0.34
CA ASN A 338 -21.78 -6.12 -0.26
C ASN A 338 -22.23 -5.25 -1.46
N ILE A 339 -23.42 -5.45 -2.03
CA ILE A 339 -23.92 -4.58 -3.12
C ILE A 339 -24.08 -3.11 -2.67
N GLN A 340 -24.26 -2.87 -1.38
CA GLN A 340 -24.34 -1.52 -0.79
C GLN A 340 -23.02 -0.74 -0.92
N GLU A 341 -21.89 -1.46 -0.99
CA GLU A 341 -20.53 -0.91 -0.93
C GLU A 341 -20.06 -0.33 -2.28
N PHE A 342 -20.88 -0.50 -3.32
CA PHE A 342 -20.67 0.02 -4.67
C PHE A 342 -21.52 1.27 -4.99
N ALA A 343 -22.34 1.75 -4.05
CA ALA A 343 -23.29 2.83 -4.27
C ALA A 343 -22.61 4.14 -4.76
N GLY A 344 -22.80 4.47 -6.04
CA GLY A 344 -22.25 5.66 -6.69
C GLY A 344 -20.77 5.57 -7.06
N CYS A 345 -20.14 4.40 -6.94
CA CYS A 345 -18.74 4.19 -7.29
C CYS A 345 -18.52 4.28 -8.81
N LYS A 346 -17.45 4.98 -9.24
CA LYS A 346 -17.16 5.21 -10.67
C LYS A 346 -15.87 4.54 -11.21
N LYS A 347 -14.93 4.21 -10.33
CA LYS A 347 -13.80 3.28 -10.59
C LYS A 347 -13.77 2.21 -9.49
N ILE A 348 -13.60 0.94 -9.85
CA ILE A 348 -13.58 -0.19 -8.90
C ILE A 348 -12.20 -0.85 -8.86
N PHE A 349 -11.65 -0.99 -7.65
CA PHE A 349 -10.40 -1.66 -7.33
C PHE A 349 -10.64 -3.14 -7.01
N GLY A 350 -10.81 -3.97 -8.04
CA GLY A 350 -11.07 -5.40 -7.94
C GLY A 350 -11.97 -5.91 -9.07
N SER A 351 -12.58 -7.08 -8.86
CA SER A 351 -13.48 -7.72 -9.83
C SER A 351 -14.95 -7.64 -9.42
N LEU A 352 -15.86 -8.01 -10.34
CA LEU A 352 -17.29 -8.21 -10.07
C LEU A 352 -17.73 -9.60 -10.55
N ALA A 353 -18.50 -10.32 -9.74
CA ALA A 353 -18.96 -11.68 -10.05
C ALA A 353 -20.44 -11.92 -9.66
N PHE A 354 -21.22 -12.42 -10.62
CA PHE A 354 -22.59 -12.89 -10.45
C PHE A 354 -22.68 -14.40 -10.69
N LEU A 355 -22.86 -15.12 -9.59
CA LEU A 355 -23.11 -16.56 -9.52
C LEU A 355 -24.63 -16.80 -9.32
N PRO A 356 -25.16 -18.04 -9.38
CA PRO A 356 -26.54 -18.30 -8.95
C PRO A 356 -26.79 -17.82 -7.51
N GLU A 357 -25.85 -18.16 -6.61
CA GLU A 357 -25.80 -17.74 -5.19
C GLU A 357 -25.73 -16.22 -4.95
N SER A 358 -25.42 -15.42 -5.98
CA SER A 358 -25.53 -13.97 -5.91
C SER A 358 -26.98 -13.48 -5.86
N PHE A 359 -27.90 -14.27 -6.44
CA PHE A 359 -29.30 -13.89 -6.66
C PHE A 359 -30.29 -14.82 -5.93
N ASP A 360 -29.98 -16.11 -5.75
CA ASP A 360 -30.73 -17.06 -4.91
C ASP A 360 -30.12 -17.24 -3.50
N GLY A 361 -29.67 -16.11 -2.92
CA GLY A 361 -28.93 -16.01 -1.65
C GLY A 361 -29.51 -16.82 -0.48
N ASP A 362 -28.61 -17.49 0.24
CA ASP A 362 -28.93 -18.55 1.21
C ASP A 362 -29.43 -17.99 2.56
N PRO A 363 -30.62 -18.40 3.05
CA PRO A 363 -31.13 -18.01 4.36
C PRO A 363 -30.38 -18.64 5.56
N ALA A 364 -29.60 -19.72 5.37
CA ALA A 364 -28.76 -20.29 6.44
C ALA A 364 -27.44 -19.51 6.59
N SER A 365 -26.76 -19.22 5.48
CA SER A 365 -25.66 -18.24 5.36
C SER A 365 -26.22 -16.81 5.31
N ASN A 366 -27.10 -16.49 6.27
CA ASN A 366 -28.26 -15.60 6.18
C ASN A 366 -28.06 -14.31 5.35
N THR A 367 -28.27 -14.46 4.04
CA THR A 367 -28.32 -13.40 3.03
C THR A 367 -29.68 -13.43 2.34
N ALA A 368 -30.07 -12.30 1.74
CA ALA A 368 -31.32 -12.23 0.98
C ALA A 368 -31.09 -12.60 -0.49
N PRO A 369 -32.09 -13.18 -1.18
CA PRO A 369 -32.11 -13.19 -2.64
C PRO A 369 -32.14 -11.75 -3.16
N LEU A 370 -31.52 -11.52 -4.33
CA LEU A 370 -31.25 -10.17 -4.83
C LEU A 370 -32.37 -9.68 -5.76
N GLN A 371 -32.87 -8.47 -5.51
CA GLN A 371 -33.78 -7.80 -6.42
C GLN A 371 -33.03 -7.21 -7.63
N PRO A 372 -33.56 -7.28 -8.87
CA PRO A 372 -32.92 -6.66 -10.03
C PRO A 372 -32.74 -5.15 -9.88
N GLU A 373 -33.64 -4.49 -9.16
CA GLU A 373 -33.58 -3.06 -8.85
C GLU A 373 -32.35 -2.68 -8.01
N GLN A 374 -31.79 -3.60 -7.22
CA GLN A 374 -30.57 -3.37 -6.46
C GLN A 374 -29.31 -3.28 -7.34
N LEU A 375 -29.38 -3.77 -8.60
CA LEU A 375 -28.27 -3.69 -9.55
C LEU A 375 -28.04 -2.27 -10.12
N GLN A 376 -28.98 -1.34 -9.91
CA GLN A 376 -28.89 0.04 -10.41
C GLN A 376 -27.70 0.83 -9.81
N VAL A 377 -27.13 0.37 -8.69
CA VAL A 377 -25.94 1.00 -8.06
C VAL A 377 -24.71 1.05 -8.94
N PHE A 378 -24.63 0.20 -9.99
CA PHE A 378 -23.49 0.13 -10.90
C PHE A 378 -23.54 1.13 -12.08
N GLU A 379 -24.64 1.88 -12.27
CA GLU A 379 -24.81 2.73 -13.46
C GLU A 379 -23.85 3.94 -13.53
N THR A 380 -23.15 4.25 -12.43
CA THR A 380 -22.06 5.25 -12.36
C THR A 380 -20.69 4.74 -12.82
N LEU A 381 -20.54 3.45 -13.14
CA LEU A 381 -19.24 2.80 -13.31
C LEU A 381 -18.59 3.12 -14.67
N GLU A 382 -17.38 3.67 -14.63
CA GLU A 382 -16.52 4.03 -15.77
C GLU A 382 -15.48 2.93 -16.08
N GLU A 383 -14.81 2.42 -15.03
CA GLU A 383 -13.59 1.60 -15.10
C GLU A 383 -13.51 0.50 -14.02
N ILE A 384 -13.07 -0.71 -14.40
CA ILE A 384 -12.82 -1.86 -13.50
C ILE A 384 -11.35 -2.29 -13.62
N THR A 385 -10.62 -2.44 -12.50
CA THR A 385 -9.21 -2.91 -12.55
C THR A 385 -9.07 -4.44 -12.70
N GLY A 386 -9.99 -5.20 -12.12
CA GLY A 386 -10.10 -6.66 -12.26
C GLY A 386 -10.93 -7.09 -13.47
N TYR A 387 -11.73 -8.14 -13.27
CA TYR A 387 -12.57 -8.78 -14.30
C TYR A 387 -14.08 -8.68 -14.00
N LEU A 388 -14.91 -9.02 -14.98
CA LEU A 388 -16.36 -9.20 -14.83
C LEU A 388 -16.78 -10.64 -15.18
N TYR A 389 -17.48 -11.31 -14.26
CA TYR A 389 -17.96 -12.69 -14.42
C TYR A 389 -19.48 -12.77 -14.21
N ILE A 390 -20.21 -13.34 -15.17
CA ILE A 390 -21.67 -13.49 -15.10
C ILE A 390 -22.05 -14.93 -15.51
N SER A 391 -22.74 -15.63 -14.62
CA SER A 391 -23.21 -17.03 -14.79
C SER A 391 -24.66 -17.27 -14.38
N ALA A 392 -25.38 -16.20 -14.02
CA ALA A 392 -26.82 -16.13 -13.82
C ALA A 392 -27.28 -14.70 -14.17
N TRP A 393 -28.55 -14.49 -14.51
CA TRP A 393 -29.13 -13.16 -14.75
C TRP A 393 -30.65 -13.19 -14.52
N PRO A 394 -31.31 -12.08 -14.11
CA PRO A 394 -32.76 -12.06 -13.93
C PRO A 394 -33.49 -12.17 -15.28
N ASP A 395 -34.50 -13.05 -15.36
CA ASP A 395 -35.28 -13.32 -16.59
C ASP A 395 -36.08 -12.10 -17.11
N SER A 396 -36.28 -11.09 -16.26
CA SER A 396 -36.91 -9.81 -16.58
C SER A 396 -35.99 -8.82 -17.32
N LEU A 397 -34.69 -9.12 -17.46
CA LEU A 397 -33.70 -8.29 -18.14
C LEU A 397 -33.12 -9.04 -19.36
N PRO A 398 -33.49 -8.70 -20.61
CA PRO A 398 -32.98 -9.36 -21.82
C PRO A 398 -31.55 -8.94 -22.22
N ASP A 399 -30.85 -8.19 -21.35
CA ASP A 399 -29.68 -7.38 -21.64
C ASP A 399 -28.88 -7.03 -20.36
N LEU A 400 -27.71 -6.38 -20.49
CA LEU A 400 -26.84 -5.99 -19.37
C LEU A 400 -26.88 -4.46 -19.08
N SER A 401 -28.07 -3.86 -19.12
CA SER A 401 -28.31 -2.40 -19.06
C SER A 401 -27.58 -1.64 -17.94
N VAL A 402 -27.41 -2.24 -16.76
CA VAL A 402 -26.75 -1.60 -15.60
C VAL A 402 -25.26 -1.27 -15.84
N PHE A 403 -24.66 -1.79 -16.91
CA PHE A 403 -23.29 -1.47 -17.35
C PHE A 403 -23.24 -0.64 -18.65
N GLN A 404 -24.33 0.00 -19.10
CA GLN A 404 -24.36 0.83 -20.33
C GLN A 404 -23.27 1.92 -20.40
N ASN A 405 -22.82 2.43 -19.26
CA ASN A 405 -21.87 3.55 -19.14
C ASN A 405 -20.40 3.11 -18.92
N LEU A 406 -20.15 1.80 -18.78
CA LEU A 406 -18.83 1.20 -18.56
C LEU A 406 -17.95 1.35 -19.82
N GLN A 407 -16.81 2.03 -19.72
CA GLN A 407 -15.89 2.18 -20.86
C GLN A 407 -14.86 1.05 -20.95
N VAL A 408 -14.28 0.63 -19.82
CA VAL A 408 -13.09 -0.23 -19.81
C VAL A 408 -13.14 -1.30 -18.71
N ILE A 409 -12.66 -2.50 -19.02
CA ILE A 409 -12.35 -3.55 -18.04
C ILE A 409 -10.88 -3.89 -18.22
N ARG A 410 -10.05 -3.73 -17.18
CA ARG A 410 -8.60 -3.93 -17.33
C ARG A 410 -8.18 -5.38 -17.33
N GLY A 411 -8.76 -6.23 -16.48
CA GLY A 411 -8.27 -7.59 -16.33
C GLY A 411 -6.83 -7.67 -15.79
N ARG A 412 -6.43 -6.77 -14.87
CA ARG A 412 -5.14 -6.92 -14.13
C ARG A 412 -5.20 -8.08 -13.14
N ILE A 413 -6.39 -8.33 -12.59
CA ILE A 413 -6.80 -9.60 -11.99
C ILE A 413 -7.68 -10.32 -13.04
N LEU A 414 -7.53 -11.64 -13.19
CA LEU A 414 -8.22 -12.44 -14.21
C LEU A 414 -8.85 -13.69 -13.59
N HIS A 415 -10.03 -14.07 -14.09
CA HIS A 415 -10.70 -15.32 -13.71
C HIS A 415 -9.92 -16.52 -14.24
N ASN A 416 -9.62 -17.49 -13.37
CA ASN A 416 -8.64 -18.57 -13.59
C ASN A 416 -7.27 -18.07 -14.13
N GLY A 417 -6.88 -16.83 -13.83
CA GLY A 417 -5.67 -16.19 -14.37
C GLY A 417 -5.72 -15.85 -15.87
N ALA A 418 -6.84 -16.10 -16.56
CA ALA A 418 -6.93 -16.05 -18.02
C ALA A 418 -8.04 -15.13 -18.58
N TYR A 419 -9.18 -15.00 -17.91
CA TYR A 419 -10.39 -14.38 -18.49
C TYR A 419 -10.77 -13.05 -17.81
N SER A 420 -11.10 -12.03 -18.61
CA SER A 420 -11.46 -10.68 -18.15
C SER A 420 -12.95 -10.35 -18.27
N LEU A 421 -13.67 -11.07 -19.13
CA LEU A 421 -15.13 -11.02 -19.26
C LEU A 421 -15.69 -12.43 -19.48
N THR A 422 -16.59 -12.91 -18.62
CA THR A 422 -17.29 -14.21 -18.80
C THR A 422 -18.79 -14.00 -18.79
N LEU A 423 -19.48 -14.50 -19.82
CA LEU A 423 -20.93 -14.43 -19.99
C LEU A 423 -21.47 -15.83 -20.34
N GLN A 424 -21.81 -16.64 -19.33
CA GLN A 424 -22.13 -18.06 -19.54
C GLN A 424 -23.54 -18.47 -19.08
N GLY A 425 -24.26 -19.23 -19.92
CA GLY A 425 -25.57 -19.82 -19.58
C GLY A 425 -26.72 -18.83 -19.38
N LEU A 426 -26.57 -17.57 -19.80
CA LEU A 426 -27.44 -16.45 -19.38
C LEU A 426 -28.79 -16.38 -20.11
N GLY A 427 -28.97 -17.13 -21.21
CA GLY A 427 -30.17 -17.13 -22.04
C GLY A 427 -30.39 -15.88 -22.91
N ILE A 428 -30.16 -14.67 -22.36
CA ILE A 428 -30.49 -13.34 -22.90
C ILE A 428 -30.14 -13.07 -24.38
N SER A 429 -30.87 -12.15 -25.01
CA SER A 429 -30.86 -11.93 -26.47
C SER A 429 -29.80 -10.96 -26.99
N TRP A 430 -29.37 -9.97 -26.20
CA TRP A 430 -28.29 -9.03 -26.54
C TRP A 430 -27.56 -8.54 -25.29
N LEU A 431 -26.58 -7.63 -25.43
CA LEU A 431 -25.73 -7.18 -24.32
C LEU A 431 -25.97 -5.71 -23.92
N GLY A 432 -26.11 -4.79 -24.87
CA GLY A 432 -26.44 -3.37 -24.60
C GLY A 432 -25.32 -2.52 -23.98
N LEU A 433 -24.07 -3.01 -23.98
CA LEU A 433 -22.89 -2.40 -23.35
C LEU A 433 -22.33 -1.17 -24.14
N ARG A 434 -23.19 -0.18 -24.46
CA ARG A 434 -22.92 0.85 -25.49
C ARG A 434 -21.58 1.59 -25.39
N SER A 435 -21.05 1.80 -24.18
CA SER A 435 -19.81 2.56 -23.94
C SER A 435 -18.54 1.70 -23.98
N LEU A 436 -18.65 0.36 -23.97
CA LEU A 436 -17.53 -0.54 -23.78
C LEU A 436 -16.57 -0.51 -24.98
N ARG A 437 -15.31 -0.15 -24.72
CA ARG A 437 -14.30 0.14 -25.75
C ARG A 437 -12.90 -0.42 -25.43
N GLU A 438 -12.74 -1.19 -24.35
CA GLU A 438 -11.42 -1.69 -23.93
C GLU A 438 -11.50 -2.94 -23.03
N LEU A 439 -10.63 -3.92 -23.33
CA LEU A 439 -10.33 -5.10 -22.52
C LEU A 439 -8.80 -5.20 -22.36
N GLY A 440 -8.28 -4.64 -21.26
CA GLY A 440 -6.85 -4.32 -21.10
C GLY A 440 -5.92 -5.53 -21.15
N SER A 441 -6.34 -6.64 -20.55
CA SER A 441 -5.71 -7.97 -20.65
C SER A 441 -6.76 -9.08 -20.46
N GLY A 442 -6.42 -10.30 -20.88
CA GLY A 442 -7.26 -11.50 -20.73
C GLY A 442 -8.32 -11.70 -21.82
N LEU A 443 -8.85 -12.92 -21.92
CA LEU A 443 -9.81 -13.33 -22.94
C LEU A 443 -11.26 -13.07 -22.51
N ALA A 444 -12.15 -12.91 -23.49
CA ALA A 444 -13.59 -12.78 -23.30
C ALA A 444 -14.32 -14.07 -23.73
N LEU A 445 -15.12 -14.66 -22.84
CA LEU A 445 -15.82 -15.93 -23.06
C LEU A 445 -17.35 -15.72 -23.04
N ILE A 446 -18.04 -16.19 -24.07
CA ILE A 446 -19.49 -16.02 -24.26
C ILE A 446 -20.09 -17.34 -24.75
N HIS A 447 -20.66 -18.16 -23.86
CA HIS A 447 -21.12 -19.51 -24.19
C HIS A 447 -22.42 -19.97 -23.50
N HIS A 448 -23.15 -20.88 -24.16
CA HIS A 448 -24.45 -21.44 -23.72
C HIS A 448 -25.58 -20.41 -23.56
N ASN A 449 -25.56 -19.32 -24.33
CA ASN A 449 -26.56 -18.25 -24.26
C ASN A 449 -27.63 -18.40 -25.36
N THR A 450 -28.81 -18.91 -24.98
CA THR A 450 -29.89 -19.42 -25.84
C THR A 450 -30.35 -18.48 -26.96
N HIS A 451 -30.57 -17.21 -26.65
CA HIS A 451 -31.13 -16.22 -27.59
C HIS A 451 -30.10 -15.21 -28.11
N LEU A 452 -28.85 -15.26 -27.62
CA LEU A 452 -27.84 -14.21 -27.77
C LEU A 452 -27.35 -14.01 -29.21
N CYS A 453 -27.95 -13.05 -29.91
CA CYS A 453 -27.57 -12.64 -31.26
C CYS A 453 -26.42 -11.62 -31.29
N PHE A 454 -25.98 -11.28 -32.51
CA PHE A 454 -25.18 -10.07 -32.80
C PHE A 454 -23.76 -10.04 -32.24
N VAL A 455 -23.30 -11.05 -31.49
CA VAL A 455 -21.93 -11.10 -30.90
C VAL A 455 -20.84 -11.05 -31.98
N HIS A 456 -21.12 -11.51 -33.20
CA HIS A 456 -20.24 -11.41 -34.36
C HIS A 456 -20.16 -10.00 -34.98
N THR A 457 -21.05 -9.07 -34.59
CA THR A 457 -21.08 -7.70 -35.11
C THR A 457 -20.20 -6.72 -34.32
N VAL A 458 -19.79 -7.08 -33.11
CA VAL A 458 -18.94 -6.22 -32.25
C VAL A 458 -17.51 -6.17 -32.81
N PRO A 459 -16.88 -4.99 -32.95
CA PRO A 459 -15.52 -4.86 -33.48
C PRO A 459 -14.47 -5.17 -32.40
N TRP A 460 -14.36 -6.45 -32.04
CA TRP A 460 -13.45 -6.96 -30.98
C TRP A 460 -11.98 -6.54 -31.17
N ASP A 461 -11.56 -6.34 -32.43
CA ASP A 461 -10.36 -5.62 -32.87
C ASP A 461 -10.03 -4.37 -32.03
N GLN A 462 -11.02 -3.52 -31.80
CA GLN A 462 -10.83 -2.19 -31.20
C GLN A 462 -10.64 -2.23 -29.68
N LEU A 463 -10.97 -3.35 -29.02
CA LEU A 463 -11.00 -3.47 -27.56
C LEU A 463 -9.67 -3.97 -26.98
N PHE A 464 -8.90 -4.79 -27.70
CA PHE A 464 -7.66 -5.40 -27.19
C PHE A 464 -6.41 -4.55 -27.43
N ARG A 465 -5.31 -4.82 -26.70
CA ARG A 465 -4.01 -4.13 -26.84
C ARG A 465 -2.82 -5.11 -26.99
N ASN A 466 -3.06 -6.29 -27.54
CA ASN A 466 -2.04 -7.24 -28.01
C ASN A 466 -2.60 -8.11 -29.15
N PRO A 467 -1.76 -8.77 -29.96
CA PRO A 467 -2.21 -9.70 -31.01
C PRO A 467 -2.53 -11.12 -30.47
N HIS A 468 -2.64 -11.27 -29.14
CA HIS A 468 -2.75 -12.55 -28.44
C HIS A 468 -4.14 -12.82 -27.83
N GLN A 469 -5.03 -11.81 -27.83
CA GLN A 469 -6.38 -11.91 -27.27
C GLN A 469 -7.46 -12.07 -28.34
N ALA A 470 -8.48 -12.87 -28.01
CA ALA A 470 -9.62 -13.22 -28.86
C ALA A 470 -10.92 -13.30 -28.05
N LEU A 471 -12.04 -13.31 -28.76
CA LEU A 471 -13.37 -13.67 -28.26
C LEU A 471 -13.55 -15.18 -28.43
N LEU A 472 -14.00 -15.89 -27.39
CA LEU A 472 -14.26 -17.34 -27.42
C LEU A 472 -15.74 -17.62 -27.19
N HIS A 473 -16.39 -18.27 -28.16
CA HIS A 473 -17.85 -18.47 -28.20
C HIS A 473 -18.25 -19.89 -28.63
N THR A 474 -19.25 -20.48 -27.97
CA THR A 474 -19.89 -21.75 -28.38
C THR A 474 -21.27 -21.93 -27.75
N ALA A 475 -22.06 -22.89 -28.24
CA ALA A 475 -23.38 -23.28 -27.71
C ALA A 475 -24.42 -22.14 -27.56
N ASN A 476 -24.24 -21.01 -28.26
CA ASN A 476 -25.18 -19.89 -28.28
C ASN A 476 -26.22 -20.05 -29.40
N ARG A 477 -27.16 -19.10 -29.46
CA ARG A 477 -28.04 -18.81 -30.60
C ARG A 477 -27.33 -18.92 -31.97
N PRO A 478 -27.98 -19.49 -33.01
CA PRO A 478 -27.47 -19.44 -34.38
C PRO A 478 -27.65 -18.04 -35.02
N GLU A 479 -26.61 -17.48 -35.65
CA GLU A 479 -26.68 -16.15 -36.31
C GLU A 479 -27.57 -16.19 -37.59
N ASP A 480 -27.71 -17.36 -38.21
CA ASP A 480 -28.73 -17.67 -39.22
C ASP A 480 -30.16 -17.57 -38.67
N GLU A 481 -30.40 -17.96 -37.41
CA GLU A 481 -31.67 -17.74 -36.71
C GLU A 481 -31.81 -16.30 -36.19
N CYS A 482 -30.73 -15.51 -36.15
CA CYS A 482 -30.79 -14.06 -35.90
C CYS A 482 -31.26 -13.28 -37.14
N VAL A 483 -30.82 -13.67 -38.35
CA VAL A 483 -31.47 -13.17 -39.58
C VAL A 483 -32.86 -13.81 -39.80
N GLY A 484 -33.12 -15.00 -39.23
CA GLY A 484 -34.47 -15.58 -39.11
C GLY A 484 -35.41 -14.81 -38.17
N GLU A 485 -34.88 -14.14 -37.15
CA GLU A 485 -35.57 -13.15 -36.31
C GLU A 485 -35.79 -11.80 -37.04
N GLY A 486 -35.18 -11.63 -38.23
CA GLY A 486 -35.35 -10.45 -39.08
C GLY A 486 -34.66 -9.19 -38.55
N LEU A 487 -33.86 -9.30 -37.50
CA LEU A 487 -33.18 -8.19 -36.84
C LEU A 487 -31.67 -8.24 -37.05
N ALA A 488 -31.05 -7.06 -36.97
CA ALA A 488 -29.63 -6.82 -37.04
C ALA A 488 -29.30 -5.50 -36.32
N CYS A 489 -28.05 -5.07 -36.41
CA CYS A 489 -27.67 -3.70 -36.09
C CYS A 489 -28.38 -2.71 -37.03
N HIS A 490 -28.64 -1.49 -36.53
CA HIS A 490 -29.42 -0.49 -37.25
C HIS A 490 -28.68 0.10 -38.47
N GLN A 491 -29.43 0.65 -39.43
CA GLN A 491 -28.93 1.31 -40.65
C GLN A 491 -27.80 2.34 -40.39
N LEU A 492 -27.83 3.00 -39.24
CA LEU A 492 -26.87 4.03 -38.86
C LEU A 492 -25.71 3.51 -37.98
N CYS A 493 -25.66 2.22 -37.68
CA CYS A 493 -24.51 1.64 -37.00
C CYS A 493 -23.33 1.51 -37.98
N ALA A 494 -22.21 2.20 -37.71
CA ALA A 494 -21.06 2.20 -38.61
C ALA A 494 -20.54 0.78 -38.86
N ARG A 495 -20.41 0.38 -40.14
CA ARG A 495 -20.10 -0.99 -40.59
C ARG A 495 -21.00 -2.09 -40.01
N GLY A 496 -22.19 -1.75 -39.53
CA GLY A 496 -23.10 -2.67 -38.87
C GLY A 496 -22.66 -3.08 -37.46
N HIS A 497 -21.82 -2.30 -36.77
CA HIS A 497 -21.36 -2.60 -35.41
C HIS A 497 -22.35 -2.16 -34.31
N CYS A 498 -22.88 -3.07 -33.50
CA CYS A 498 -23.74 -2.75 -32.35
C CYS A 498 -23.66 -3.75 -31.18
N TRP A 499 -24.31 -3.41 -30.07
CA TRP A 499 -24.45 -4.24 -28.86
C TRP A 499 -25.85 -4.86 -28.68
N GLY A 500 -26.79 -4.59 -29.58
CA GLY A 500 -28.21 -4.94 -29.51
C GLY A 500 -29.05 -4.23 -30.57
N PRO A 501 -30.39 -4.40 -30.57
CA PRO A 501 -31.26 -3.84 -31.60
C PRO A 501 -31.53 -2.33 -31.42
N GLY A 502 -31.38 -1.54 -32.49
CA GLY A 502 -31.88 -0.16 -32.59
C GLY A 502 -30.84 0.97 -32.43
N PRO A 503 -31.28 2.25 -32.50
CA PRO A 503 -30.40 3.43 -32.61
C PRO A 503 -29.61 3.78 -31.34
N THR A 504 -29.92 3.17 -30.20
CA THR A 504 -29.21 3.40 -28.92
C THR A 504 -28.06 2.40 -28.68
N GLN A 505 -27.76 1.54 -29.66
CA GLN A 505 -26.94 0.33 -29.50
C GLN A 505 -25.66 0.32 -30.37
N CYS A 506 -25.51 1.25 -31.30
CA CYS A 506 -24.39 1.27 -32.25
C CYS A 506 -23.04 1.57 -31.56
N VAL A 507 -21.95 0.93 -32.00
CA VAL A 507 -20.58 1.20 -31.47
C VAL A 507 -20.02 2.54 -31.99
N ASN A 508 -20.44 2.96 -33.20
CA ASN A 508 -20.29 4.33 -33.68
C ASN A 508 -21.47 4.68 -34.61
N CYS A 509 -21.84 5.97 -34.68
CA CYS A 509 -23.02 6.46 -35.38
C CYS A 509 -22.68 7.04 -36.77
N SER A 510 -23.45 6.67 -37.79
CA SER A 510 -23.27 7.10 -39.18
C SER A 510 -23.55 8.58 -39.40
N GLN A 511 -24.55 9.14 -38.69
CA GLN A 511 -24.98 10.54 -38.79
C GLN A 511 -24.79 11.31 -37.47
N PHE A 512 -25.83 11.55 -36.67
CA PHE A 512 -25.80 12.43 -35.50
C PHE A 512 -26.17 11.73 -34.19
N LEU A 513 -25.75 12.30 -33.06
CA LEU A 513 -26.11 11.86 -31.70
C LEU A 513 -27.05 12.88 -31.02
N ARG A 514 -28.31 12.48 -30.81
CA ARG A 514 -29.28 13.21 -29.98
C ARG A 514 -29.29 12.60 -28.58
N GLY A 515 -28.46 13.14 -27.68
CA GLY A 515 -28.26 12.55 -26.35
C GLY A 515 -27.53 11.20 -26.41
N GLN A 516 -28.27 10.10 -26.38
CA GLN A 516 -27.78 8.71 -26.56
C GLN A 516 -28.51 7.97 -27.71
N GLU A 517 -29.20 8.72 -28.58
CA GLU A 517 -29.90 8.22 -29.76
C GLU A 517 -29.11 8.55 -31.03
N CYS A 518 -28.75 7.54 -31.82
CA CYS A 518 -28.14 7.75 -33.16
C CYS A 518 -29.24 8.01 -34.21
N VAL A 519 -29.20 9.18 -34.87
CA VAL A 519 -30.30 9.67 -35.74
C VAL A 519 -29.82 10.10 -37.12
N GLU A 520 -30.76 10.06 -38.07
CA GLU A 520 -30.56 10.44 -39.48
C GLU A 520 -30.24 11.93 -39.65
N GLU A 521 -30.96 12.79 -38.92
CA GLU A 521 -30.87 14.25 -38.97
C GLU A 521 -31.33 14.86 -37.64
N CYS A 522 -31.09 16.16 -37.47
CA CYS A 522 -31.44 16.93 -36.28
C CYS A 522 -32.32 18.14 -36.62
N ARG A 523 -33.00 18.72 -35.62
CA ARG A 523 -34.00 19.78 -35.85
C ARG A 523 -33.41 21.18 -36.04
N VAL A 524 -32.45 21.34 -36.96
CA VAL A 524 -31.97 22.68 -37.39
C VAL A 524 -33.09 23.43 -38.13
N LEU A 525 -33.83 22.73 -38.99
CA LEU A 525 -34.98 23.26 -39.74
C LEU A 525 -36.27 22.45 -39.56
N GLN A 526 -36.17 21.12 -39.42
CA GLN A 526 -37.24 20.14 -39.66
C GLN A 526 -38.34 20.03 -38.58
N GLY A 527 -38.51 20.99 -37.66
CA GLY A 527 -39.54 20.88 -36.61
C GLY A 527 -39.69 22.08 -35.67
N LEU A 528 -40.40 21.88 -34.56
CA LEU A 528 -40.70 22.93 -33.57
C LEU A 528 -39.65 23.01 -32.43
N PRO A 529 -39.21 21.91 -31.78
CA PRO A 529 -38.13 21.96 -30.81
C PRO A 529 -36.79 21.96 -31.56
N ARG A 530 -36.30 23.16 -31.91
CA ARG A 530 -35.10 23.32 -32.75
C ARG A 530 -33.82 22.93 -32.00
N GLU A 531 -32.92 22.26 -32.71
CA GLU A 531 -31.68 21.67 -32.20
C GLU A 531 -30.51 22.16 -33.06
N TYR A 532 -29.46 22.70 -32.43
CA TYR A 532 -28.20 23.04 -33.09
C TYR A 532 -27.24 21.84 -33.06
N VAL A 533 -26.29 21.79 -34.01
CA VAL A 533 -25.28 20.73 -34.09
C VAL A 533 -23.98 21.18 -33.41
N ASN A 534 -23.42 20.31 -32.57
CA ASN A 534 -22.14 20.47 -31.90
C ASN A 534 -21.25 19.24 -32.16
N ALA A 535 -20.45 19.28 -33.23
CA ALA A 535 -19.57 18.18 -33.67
C ALA A 535 -20.25 16.80 -33.64
N ARG A 536 -21.26 16.61 -34.52
CA ARG A 536 -22.19 15.47 -34.61
C ARG A 536 -23.15 15.23 -33.43
N HIS A 537 -22.94 15.83 -32.25
CA HIS A 537 -23.98 15.90 -31.22
C HIS A 537 -25.05 16.93 -31.62
N CYS A 538 -26.27 16.80 -31.10
CA CYS A 538 -27.37 17.75 -31.34
C CYS A 538 -28.07 18.13 -30.04
N LEU A 539 -28.29 19.43 -29.83
CA LEU A 539 -28.75 20.01 -28.56
C LEU A 539 -29.69 21.21 -28.80
N PRO A 540 -30.66 21.49 -27.91
CA PRO A 540 -31.36 22.77 -27.88
C PRO A 540 -30.49 23.92 -27.34
N CYS A 541 -30.86 25.16 -27.68
CA CYS A 541 -30.59 26.34 -26.84
C CYS A 541 -31.59 26.33 -25.64
N HIS A 542 -31.45 27.27 -24.69
CA HIS A 542 -32.65 27.84 -24.04
C HIS A 542 -33.66 28.24 -25.15
N PRO A 543 -34.99 27.99 -25.10
CA PRO A 543 -35.78 27.71 -26.31
C PRO A 543 -35.97 28.82 -27.39
N GLU A 544 -35.21 29.92 -27.34
CA GLU A 544 -35.26 31.07 -28.21
C GLU A 544 -34.59 30.87 -29.59
N CYS A 545 -34.17 29.67 -30.05
CA CYS A 545 -34.09 29.42 -31.52
C CYS A 545 -35.50 29.17 -32.09
N GLN A 546 -36.36 30.19 -31.98
CA GLN A 546 -37.70 30.25 -32.60
C GLN A 546 -37.68 29.71 -34.05
N PRO A 547 -38.58 28.77 -34.41
CA PRO A 547 -38.68 28.23 -35.76
C PRO A 547 -38.92 29.33 -36.81
N GLN A 548 -37.95 29.56 -37.70
CA GLN A 548 -38.16 30.31 -38.94
C GLN A 548 -38.32 29.35 -40.12
N ASN A 549 -38.89 29.84 -41.22
CA ASN A 549 -39.01 29.13 -42.50
C ASN A 549 -37.66 29.16 -43.25
N GLY A 550 -36.68 28.40 -42.75
CA GLY A 550 -35.31 28.35 -43.30
C GLY A 550 -34.20 28.87 -42.37
N SER A 551 -34.51 29.25 -41.13
CA SER A 551 -33.54 29.74 -40.13
C SER A 551 -34.03 29.56 -38.67
N VAL A 552 -33.31 30.11 -37.70
CA VAL A 552 -33.41 29.88 -36.23
C VAL A 552 -32.87 31.09 -35.44
N THR A 553 -33.08 31.16 -34.10
CA THR A 553 -32.95 32.43 -33.32
C THR A 553 -31.91 32.58 -32.12
N CYS A 554 -31.43 31.57 -31.36
CA CYS A 554 -30.17 31.56 -30.51
C CYS A 554 -29.19 30.31 -30.57
N PHE A 555 -28.14 30.22 -31.40
CA PHE A 555 -27.38 28.96 -31.67
C PHE A 555 -26.88 28.21 -30.42
N GLY A 556 -25.89 28.76 -29.71
CA GLY A 556 -25.43 28.19 -28.45
C GLY A 556 -26.44 28.45 -27.32
N PRO A 557 -26.39 27.69 -26.22
CA PRO A 557 -27.31 27.87 -25.10
C PRO A 557 -27.05 29.14 -24.27
N GLU A 558 -25.95 29.87 -24.53
CA GLU A 558 -25.89 31.32 -24.29
C GLU A 558 -26.75 32.02 -25.36
N ALA A 559 -27.93 32.49 -24.96
CA ALA A 559 -29.06 32.76 -25.86
C ALA A 559 -28.98 34.07 -26.68
N ASP A 560 -27.86 34.34 -27.36
CA ASP A 560 -27.67 35.51 -28.25
C ASP A 560 -27.40 35.19 -29.75
N GLN A 561 -27.43 33.92 -30.18
CA GLN A 561 -26.49 33.47 -31.21
C GLN A 561 -27.01 32.97 -32.58
N CYS A 562 -28.30 32.67 -32.84
CA CYS A 562 -28.73 32.11 -34.14
C CYS A 562 -29.05 33.31 -35.08
N VAL A 563 -29.92 34.26 -34.66
CA VAL A 563 -30.16 35.52 -35.39
C VAL A 563 -30.83 36.68 -34.62
N ALA A 564 -31.73 36.44 -33.66
CA ALA A 564 -32.60 37.49 -33.06
C ALA A 564 -33.18 37.07 -31.69
N CYS A 565 -34.42 37.44 -31.35
CA CYS A 565 -35.18 37.01 -30.16
C CYS A 565 -36.64 36.65 -30.53
N ALA A 566 -37.35 35.86 -29.70
CA ALA A 566 -38.72 35.42 -30.03
C ALA A 566 -39.82 36.43 -29.67
N HIS A 567 -39.72 37.12 -28.52
CA HIS A 567 -40.74 38.09 -28.07
C HIS A 567 -40.13 39.40 -27.56
N TYR A 568 -39.18 39.32 -26.63
CA TYR A 568 -38.46 40.47 -26.07
C TYR A 568 -36.95 40.23 -26.03
N LYS A 569 -36.16 41.31 -25.95
CA LYS A 569 -34.71 41.28 -25.72
C LYS A 569 -34.38 41.99 -24.42
N ASP A 570 -33.50 41.41 -23.61
CA ASP A 570 -32.78 42.13 -22.56
C ASP A 570 -31.27 42.07 -22.89
N PRO A 571 -30.67 43.13 -23.48
CA PRO A 571 -29.49 43.00 -24.33
C PRO A 571 -28.32 42.24 -23.69
N PRO A 572 -27.84 41.13 -24.30
CA PRO A 572 -28.13 40.61 -25.64
C PRO A 572 -29.27 39.57 -25.73
N PHE A 573 -29.63 38.93 -24.60
CA PHE A 573 -30.46 37.72 -24.51
C PHE A 573 -31.96 37.95 -24.74
N CYS A 574 -32.69 36.85 -24.87
CA CYS A 574 -34.07 36.81 -25.36
C CYS A 574 -35.01 36.14 -24.35
N VAL A 575 -36.21 36.69 -24.19
CA VAL A 575 -37.23 36.22 -23.21
C VAL A 575 -38.67 36.39 -23.72
N ALA A 576 -39.58 35.57 -23.19
CA ALA A 576 -41.04 35.70 -23.39
C ALA A 576 -41.72 36.79 -22.54
N ARG A 577 -41.01 37.40 -21.57
CA ARG A 577 -41.46 38.56 -20.77
C ARG A 577 -40.27 39.23 -20.07
N CYS A 578 -40.24 40.56 -20.02
CA CYS A 578 -39.25 41.30 -19.21
C CYS A 578 -39.45 40.99 -17.70
N PRO A 579 -38.43 40.47 -16.98
CA PRO A 579 -38.65 39.87 -15.65
C PRO A 579 -38.43 40.84 -14.47
N SER A 580 -39.14 40.59 -13.36
CA SER A 580 -39.02 41.28 -12.07
C SER A 580 -38.57 40.30 -10.96
N GLY A 581 -37.25 40.22 -10.72
CA GLY A 581 -36.68 39.32 -9.70
C GLY A 581 -36.81 39.84 -8.26
N VAL A 582 -37.08 38.94 -7.31
CA VAL A 582 -37.20 39.22 -5.87
C VAL A 582 -36.16 38.48 -5.00
N LYS A 583 -34.92 38.40 -5.51
CA LYS A 583 -33.70 38.04 -4.79
C LYS A 583 -32.57 38.96 -5.27
N PRO A 584 -31.76 39.61 -4.40
CA PRO A 584 -30.90 40.72 -4.84
C PRO A 584 -29.45 40.34 -5.16
N ASP A 585 -28.79 39.60 -4.25
CA ASP A 585 -27.34 39.59 -4.05
C ASP A 585 -26.77 41.00 -3.73
N LEU A 586 -26.83 41.92 -4.69
CA LEU A 586 -26.74 43.37 -4.46
C LEU A 586 -28.12 44.03 -4.48
N SER A 587 -28.25 45.20 -3.84
CA SER A 587 -29.53 45.90 -3.56
C SER A 587 -30.34 46.43 -4.77
N TYR A 588 -30.06 45.96 -6.00
CA TYR A 588 -30.75 46.36 -7.23
C TYR A 588 -31.35 45.14 -7.94
N MET A 589 -32.67 44.98 -7.82
CA MET A 589 -33.47 44.13 -8.70
C MET A 589 -33.51 44.69 -10.13
N PRO A 590 -33.89 43.90 -11.16
CA PRO A 590 -34.26 44.45 -12.47
C PRO A 590 -35.51 45.34 -12.36
N ILE A 591 -35.31 46.67 -12.22
CA ILE A 591 -36.38 47.63 -11.91
C ILE A 591 -37.32 47.79 -13.11
N TRP A 592 -38.51 47.18 -13.02
CA TRP A 592 -39.71 47.44 -13.83
C TRP A 592 -39.41 47.69 -15.32
N LYS A 593 -38.69 46.73 -15.91
CA LYS A 593 -38.11 46.83 -17.26
C LYS A 593 -39.19 46.91 -18.34
N PHE A 594 -39.50 48.12 -18.79
CA PHE A 594 -40.56 48.38 -19.75
C PHE A 594 -40.15 47.95 -21.18
N PRO A 595 -41.05 47.35 -21.98
CA PRO A 595 -40.76 47.04 -23.37
C PRO A 595 -40.66 48.28 -24.28
N ASP A 596 -39.61 48.34 -25.07
CA ASP A 596 -39.55 49.09 -26.33
C ASP A 596 -40.37 48.39 -27.45
N GLU A 597 -40.60 49.08 -28.58
CA GLU A 597 -41.30 48.51 -29.75
C GLU A 597 -40.53 47.38 -30.45
N GLU A 598 -39.20 47.40 -30.48
CA GLU A 598 -38.38 46.23 -30.86
C GLU A 598 -38.10 45.29 -29.65
N GLY A 599 -38.92 45.41 -28.60
CA GLY A 599 -38.99 44.47 -27.49
C GLY A 599 -37.88 44.60 -26.45
N ALA A 600 -37.08 45.69 -26.45
CA ALA A 600 -35.99 45.89 -25.51
C ALA A 600 -36.51 46.15 -24.07
N CYS A 601 -36.00 45.41 -23.08
CA CYS A 601 -36.45 45.45 -21.68
C CYS A 601 -35.73 46.53 -20.86
N GLN A 602 -36.17 47.80 -20.97
CA GLN A 602 -35.42 48.97 -20.48
C GLN A 602 -35.76 49.34 -19.02
N PRO A 603 -34.78 49.49 -18.11
CA PRO A 603 -35.00 49.96 -16.73
C PRO A 603 -35.65 51.34 -16.61
N CYS A 604 -36.28 51.60 -15.46
CA CYS A 604 -36.94 52.88 -15.18
C CYS A 604 -35.98 54.05 -14.88
N PRO A 605 -36.34 55.31 -15.24
CA PRO A 605 -35.46 56.48 -15.13
C PRO A 605 -35.46 57.20 -13.76
N ILE A 606 -36.31 56.80 -12.81
CA ILE A 606 -36.27 57.27 -11.41
C ILE A 606 -36.26 56.05 -10.49
N ASN A 607 -35.53 56.15 -9.37
CA ASN A 607 -35.25 55.03 -8.45
C ASN A 607 -36.51 54.37 -7.86
N CYS A 608 -37.50 55.17 -7.43
CA CYS A 608 -38.86 54.74 -7.07
C CYS A 608 -39.79 55.98 -6.97
N THR A 609 -40.93 55.85 -6.27
CA THR A 609 -41.88 56.88 -5.78
C THR A 609 -42.65 57.69 -6.83
N HIS A 610 -42.04 58.04 -7.98
CA HIS A 610 -42.52 59.12 -8.86
C HIS A 610 -43.11 58.68 -10.21
N SER A 611 -42.65 57.58 -10.81
CA SER A 611 -43.01 57.16 -12.17
C SER A 611 -42.53 55.72 -12.46
N CYS A 612 -42.97 55.13 -13.58
CA CYS A 612 -42.42 53.92 -14.18
C CYS A 612 -42.48 52.67 -13.29
N VAL A 613 -43.56 51.89 -13.50
CA VAL A 613 -43.80 50.56 -12.92
C VAL A 613 -44.31 49.62 -14.03
N ASP A 614 -43.78 49.79 -15.24
CA ASP A 614 -44.33 49.28 -16.52
C ASP A 614 -45.73 49.84 -16.90
N LEU A 615 -46.70 49.93 -15.97
CA LEU A 615 -48.04 50.53 -16.20
C LEU A 615 -48.16 51.96 -15.60
N ASP A 616 -47.03 52.62 -15.30
CA ASP A 616 -46.92 53.97 -14.67
C ASP A 616 -47.71 54.15 -13.36
N ASP A 617 -47.80 53.05 -12.59
CA ASP A 617 -48.55 52.91 -11.35
C ASP A 617 -47.63 52.90 -10.10
N LYS A 618 -47.79 51.97 -9.15
CA LYS A 618 -47.03 51.91 -7.87
C LYS A 618 -46.74 50.47 -7.44
N GLY A 619 -45.52 49.99 -7.73
CA GLY A 619 -45.06 48.63 -7.46
C GLY A 619 -43.59 48.49 -7.05
N CYS A 620 -42.89 49.60 -6.75
CA CYS A 620 -41.66 49.59 -5.97
C CYS A 620 -41.97 50.13 -4.55
N PRO A 621 -41.32 49.64 -3.47
CA PRO A 621 -41.54 50.19 -2.13
C PRO A 621 -40.93 51.58 -1.95
N ALA A 622 -41.58 52.43 -1.14
CA ALA A 622 -41.31 53.86 -0.90
C ALA A 622 -41.62 54.77 -2.12
N GLU B 2 -0.07 -6.37 14.91
CA GLU B 2 -1.12 -7.24 14.30
C GLU B 2 -0.60 -7.75 12.96
N VAL B 3 -0.60 -6.92 11.92
CA VAL B 3 0.49 -6.96 10.93
C VAL B 3 1.77 -6.47 11.65
N GLN B 4 2.92 -7.15 11.50
CA GLN B 4 4.08 -6.95 12.38
C GLN B 4 5.37 -7.59 11.87
N LEU B 5 6.50 -7.20 12.47
CA LEU B 5 7.85 -7.70 12.17
C LEU B 5 8.41 -8.53 13.33
N VAL B 6 9.34 -9.43 13.03
CA VAL B 6 10.01 -10.32 13.99
C VAL B 6 11.52 -10.24 13.82
N GLU B 7 12.24 -9.90 14.89
CA GLU B 7 13.68 -9.68 14.89
C GLU B 7 14.47 -10.84 15.53
N SER B 8 15.70 -11.08 15.07
CA SER B 8 16.62 -12.09 15.65
C SER B 8 18.09 -11.67 15.56
N GLY B 9 18.99 -12.44 16.19
CA GLY B 9 20.44 -12.21 16.14
C GLY B 9 21.01 -11.31 17.24
N GLY B 10 20.17 -10.84 18.18
CA GLY B 10 20.63 -10.10 19.35
C GLY B 10 21.52 -10.93 20.30
N GLY B 11 22.34 -10.26 21.09
CA GLY B 11 23.38 -10.86 21.92
C GLY B 11 24.36 -9.84 22.49
N LEU B 12 25.45 -10.33 23.10
CA LEU B 12 26.50 -9.49 23.70
C LEU B 12 27.90 -9.96 23.25
N VAL B 13 28.83 -9.00 23.14
CA VAL B 13 30.25 -9.24 22.79
C VAL B 13 31.18 -8.35 23.62
N GLN B 14 32.48 -8.65 23.60
CA GLN B 14 33.52 -7.81 24.20
C GLN B 14 33.87 -6.58 23.31
N PRO B 15 34.46 -5.50 23.87
CA PRO B 15 34.73 -4.26 23.16
C PRO B 15 35.53 -4.44 21.86
N GLY B 16 35.09 -3.77 20.79
CA GLY B 16 35.63 -3.94 19.44
C GLY B 16 35.06 -5.13 18.67
N GLY B 17 34.27 -5.99 19.31
CA GLY B 17 33.53 -7.09 18.68
C GLY B 17 32.37 -6.63 17.81
N SER B 18 31.86 -7.56 17.00
CA SER B 18 30.78 -7.37 16.03
C SER B 18 29.72 -8.47 16.13
N LEU B 19 28.51 -8.17 15.65
CA LEU B 19 27.33 -9.02 15.68
C LEU B 19 26.46 -8.73 14.43
N ARG B 20 25.43 -9.53 14.16
CA ARG B 20 24.44 -9.20 13.13
C ARG B 20 23.01 -9.56 13.51
N LEU B 21 22.07 -8.75 13.04
CA LEU B 21 20.64 -8.89 13.27
C LEU B 21 19.91 -9.35 12.00
N SER B 22 18.72 -9.90 12.20
CA SER B 22 17.77 -10.29 11.17
C SER B 22 16.40 -9.69 11.47
N CYS B 23 15.59 -9.46 10.45
CA CYS B 23 14.19 -9.04 10.57
C CYS B 23 13.35 -9.72 9.48
N ALA B 24 12.24 -10.36 9.89
CA ALA B 24 11.27 -11.01 9.00
C ALA B 24 9.92 -10.30 9.08
N ALA B 25 9.27 -10.09 7.94
CA ALA B 25 7.96 -9.42 7.87
C ALA B 25 6.79 -10.41 7.88
N SER B 26 5.72 -10.08 8.62
CA SER B 26 4.49 -10.88 8.71
C SER B 26 3.24 -10.02 8.51
N GLY B 27 2.22 -10.60 7.86
CA GLY B 27 0.96 -9.93 7.55
C GLY B 27 0.99 -8.97 6.35
N PHE B 28 2.15 -8.71 5.73
CA PHE B 28 2.26 -7.93 4.49
C PHE B 28 3.42 -8.37 3.59
N THR B 29 3.35 -7.95 2.32
CA THR B 29 4.37 -8.09 1.29
C THR B 29 5.61 -7.26 1.60
N PHE B 30 6.75 -7.91 1.82
CA PHE B 30 8.06 -7.26 1.98
C PHE B 30 8.49 -6.45 0.74
N THR B 31 7.96 -6.77 -0.44
CA THR B 31 8.44 -6.33 -1.76
C THR B 31 8.13 -4.88 -2.16
N ASP B 32 7.21 -4.19 -1.50
CA ASP B 32 6.58 -2.96 -2.04
C ASP B 32 6.88 -1.69 -1.23
N TYR B 33 7.63 -1.80 -0.12
CA TYR B 33 7.90 -0.73 0.85
C TYR B 33 9.38 -0.72 1.23
N THR B 34 9.96 0.45 1.54
CA THR B 34 11.28 0.45 2.19
C THR B 34 11.16 0.01 3.65
N MET B 35 12.17 -0.73 4.11
CA MET B 35 12.26 -1.36 5.42
C MET B 35 13.36 -0.67 6.23
N ASP B 36 13.22 -0.61 7.56
CA ASP B 36 14.04 0.25 8.41
C ASP B 36 14.51 -0.43 9.70
N TRP B 37 15.60 0.08 10.27
CA TRP B 37 16.04 -0.21 11.64
C TRP B 37 16.02 1.05 12.49
N VAL B 38 15.50 0.93 13.72
CA VAL B 38 15.36 2.00 14.72
C VAL B 38 15.61 1.39 16.10
N ARG B 39 16.30 2.10 17.01
CA ARG B 39 16.76 1.52 18.29
C ARG B 39 16.46 2.41 19.50
N GLN B 40 16.34 1.80 20.68
CA GLN B 40 16.24 2.46 21.99
C GLN B 40 17.47 2.13 22.84
N ALA B 41 18.31 3.14 23.10
CA ALA B 41 19.53 3.00 23.90
C ALA B 41 19.22 3.18 25.41
N PRO B 42 19.25 2.13 26.24
CA PRO B 42 18.61 2.01 27.56
C PRO B 42 18.36 3.30 28.34
N GLY B 43 17.08 3.67 28.48
CA GLY B 43 16.59 4.82 29.25
C GLY B 43 16.32 6.08 28.42
N LYS B 44 15.99 5.92 27.13
CA LYS B 44 15.68 7.01 26.18
C LYS B 44 14.49 6.58 25.28
N GLY B 45 14.13 7.45 24.35
CA GLY B 45 13.35 7.12 23.16
C GLY B 45 14.22 6.59 22.02
N LEU B 46 13.90 6.98 20.79
CA LEU B 46 14.33 6.26 19.59
C LEU B 46 15.41 7.00 18.76
N GLU B 47 16.31 6.22 18.16
CA GLU B 47 17.31 6.64 17.19
C GLU B 47 17.18 5.81 15.91
N TRP B 48 17.09 6.45 14.74
CA TRP B 48 17.06 5.76 13.45
C TRP B 48 18.46 5.28 13.04
N VAL B 49 18.55 4.05 12.58
CA VAL B 49 19.79 3.37 12.21
C VAL B 49 19.96 3.35 10.68
N ALA B 50 18.96 2.86 9.94
CA ALA B 50 19.01 2.80 8.48
C ALA B 50 17.63 2.56 7.83
N ASP B 51 17.56 2.85 6.54
CA ASP B 51 16.58 2.38 5.56
C ASP B 51 17.23 1.43 4.53
N VAL B 52 16.48 0.45 4.03
CA VAL B 52 16.86 -0.45 2.94
C VAL B 52 15.65 -0.79 2.07
N ASN B 53 15.84 -0.81 0.75
CA ASN B 53 14.79 -1.19 -0.19
C ASN B 53 14.78 -2.72 -0.48
N PRO B 54 13.60 -3.34 -0.64
CA PRO B 54 13.45 -4.79 -0.83
C PRO B 54 13.68 -5.28 -2.27
N ASN B 55 13.75 -4.35 -3.23
CA ASN B 55 13.82 -4.61 -4.66
C ASN B 55 15.28 -4.77 -5.14
N SER B 56 16.22 -4.02 -4.53
CA SER B 56 17.64 -4.19 -4.84
C SER B 56 18.62 -4.14 -3.64
N GLY B 57 18.15 -3.98 -2.39
CA GLY B 57 19.04 -3.87 -1.22
C GLY B 57 19.83 -2.55 -1.11
N GLY B 58 19.71 -1.66 -2.09
CA GLY B 58 20.17 -0.28 -1.98
C GLY B 58 19.56 0.41 -0.76
N SER B 59 20.41 1.04 0.05
CA SER B 59 20.14 1.39 1.45
C SER B 59 20.80 2.72 1.84
N ILE B 60 20.25 3.34 2.89
CA ILE B 60 20.71 4.62 3.43
C ILE B 60 20.79 4.50 4.96
N TYR B 61 21.99 4.42 5.51
CA TYR B 61 22.21 4.48 6.97
C TYR B 61 22.35 5.91 7.50
N ASN B 62 22.15 6.07 8.79
CA ASN B 62 22.53 7.26 9.56
C ASN B 62 24.07 7.49 9.46
N GLN B 63 24.51 8.76 9.39
CA GLN B 63 25.94 9.15 9.30
C GLN B 63 26.79 8.56 10.45
N ARG B 64 26.18 8.29 11.61
CA ARG B 64 26.79 7.55 12.75
C ARG B 64 27.36 6.17 12.35
N PHE B 65 26.96 5.65 11.20
CA PHE B 65 27.37 4.37 10.64
C PHE B 65 27.98 4.50 9.22
N LYS B 66 28.41 5.69 8.77
CA LYS B 66 29.11 5.87 7.48
C LYS B 66 30.36 5.00 7.44
N GLY B 67 30.40 4.05 6.50
CA GLY B 67 31.47 3.05 6.39
C GLY B 67 31.53 1.99 7.50
N ARG B 68 30.54 1.92 8.40
CA ARG B 68 30.53 0.99 9.56
C ARG B 68 29.56 -0.18 9.41
N PHE B 69 28.28 0.08 9.16
CA PHE B 69 27.22 -0.94 9.18
C PHE B 69 26.83 -1.35 7.75
N THR B 70 26.35 -2.59 7.59
CA THR B 70 25.96 -3.13 6.27
C THR B 70 24.56 -3.71 6.31
N LEU B 71 23.71 -3.29 5.37
CA LEU B 71 22.33 -3.76 5.19
C LEU B 71 22.28 -4.78 4.05
N SER B 72 21.34 -5.72 4.12
CA SER B 72 21.03 -6.64 3.00
C SER B 72 19.58 -7.15 3.09
N VAL B 73 19.03 -7.58 1.96
CA VAL B 73 17.64 -8.07 1.84
C VAL B 73 17.57 -9.47 1.25
N ASP B 74 16.64 -10.25 1.75
CA ASP B 74 16.34 -11.62 1.35
C ASP B 74 14.87 -11.69 0.91
N ARG B 75 14.59 -11.02 -0.21
CA ARG B 75 13.26 -10.97 -0.85
C ARG B 75 12.72 -12.35 -1.27
N SER B 76 13.53 -13.41 -1.16
CA SER B 76 13.10 -14.80 -1.38
C SER B 76 12.25 -15.36 -0.22
N LYS B 77 12.37 -14.76 0.98
CA LYS B 77 11.79 -15.21 2.26
C LYS B 77 11.24 -14.06 3.13
N ASN B 78 10.78 -12.96 2.52
CA ASN B 78 10.13 -11.83 3.22
C ASN B 78 11.02 -11.18 4.34
N THR B 79 12.35 -11.22 4.21
CA THR B 79 13.32 -11.04 5.31
C THR B 79 14.48 -10.09 4.95
N LEU B 80 15.14 -9.46 5.93
CA LEU B 80 16.34 -8.63 5.79
C LEU B 80 17.36 -8.85 6.92
N TYR B 81 18.59 -8.36 6.73
CA TYR B 81 19.69 -8.48 7.69
C TYR B 81 20.48 -7.17 7.87
N LEU B 82 21.09 -6.99 9.05
CA LEU B 82 21.94 -5.84 9.41
C LEU B 82 23.22 -6.31 10.13
N GLN B 83 24.39 -5.91 9.63
CA GLN B 83 25.71 -6.19 10.20
C GLN B 83 26.20 -5.01 11.06
N MET B 84 26.68 -5.30 12.27
CA MET B 84 27.20 -4.30 13.23
C MET B 84 28.74 -4.23 13.24
N ASN B 85 29.28 -3.10 13.66
CA ASN B 85 30.72 -2.81 13.69
C ASN B 85 31.23 -2.33 15.07
N SER B 86 32.11 -3.15 15.67
CA SER B 86 33.21 -2.80 16.56
C SER B 86 32.99 -1.66 17.56
N LEU B 87 31.89 -1.72 18.30
CA LEU B 87 31.56 -0.82 19.40
C LEU B 87 32.34 -1.13 20.69
N ARG B 88 32.61 -0.12 21.51
CA ARG B 88 32.86 -0.22 22.96
C ARG B 88 31.67 0.36 23.72
N ALA B 89 30.51 -0.25 23.49
CA ALA B 89 29.21 0.02 24.12
C ALA B 89 28.52 1.37 23.80
N GLU B 90 29.07 2.25 22.96
CA GLU B 90 28.41 3.51 22.54
C GLU B 90 27.10 3.26 21.79
N ASP B 91 27.05 2.14 21.06
CA ASP B 91 25.92 1.70 20.23
C ASP B 91 25.07 0.62 20.93
N THR B 92 25.12 0.54 22.25
CA THR B 92 24.28 -0.35 23.09
C THR B 92 22.81 0.05 22.99
N ALA B 93 21.94 -0.86 22.52
CA ALA B 93 20.50 -0.61 22.42
C ALA B 93 19.67 -1.89 22.29
N VAL B 94 18.36 -1.75 22.45
CA VAL B 94 17.38 -2.66 21.83
C VAL B 94 17.07 -2.12 20.43
N TYR B 95 17.32 -2.94 19.41
CA TYR B 95 17.13 -2.63 17.99
C TYR B 95 15.81 -3.25 17.52
N TYR B 96 14.93 -2.42 16.94
CA TYR B 96 13.64 -2.78 16.37
C TYR B 96 13.69 -2.64 14.84
N CYS B 97 12.92 -3.47 14.15
CA CYS B 97 12.68 -3.33 12.71
C CYS B 97 11.40 -2.51 12.46
N ALA B 98 11.31 -1.86 11.30
CA ALA B 98 10.15 -1.09 10.87
C ALA B 98 9.97 -1.06 9.33
N ARG B 99 8.91 -0.43 8.81
CA ARG B 99 8.72 -0.13 7.36
C ARG B 99 8.09 1.26 7.14
N ASN B 100 8.28 1.84 5.95
CA ASN B 100 8.21 3.29 5.75
C ASN B 100 6.88 3.87 5.22
N LEU B 101 6.67 5.16 5.56
CA LEU B 101 5.51 6.03 5.30
C LEU B 101 5.75 7.57 5.38
N GLY B 102 6.80 8.14 6.02
CA GLY B 102 7.53 9.35 5.51
C GLY B 102 7.62 9.26 3.98
N PRO B 103 6.97 10.05 3.02
CA PRO B 103 7.58 10.14 1.64
C PRO B 103 8.99 10.75 1.61
N SER B 104 9.88 10.04 2.29
CA SER B 104 11.00 10.46 3.13
C SER B 104 11.17 9.27 4.10
N PHE B 105 11.16 9.47 5.43
CA PHE B 105 11.35 8.39 6.40
C PHE B 105 10.50 8.62 7.68
N TYR B 106 9.35 7.95 7.82
CA TYR B 106 8.53 7.88 9.05
C TYR B 106 7.75 6.56 9.02
N PHE B 107 7.71 5.80 10.11
CA PHE B 107 7.49 4.33 10.01
C PHE B 107 6.16 3.87 10.62
N ASP B 108 5.40 2.99 9.96
CA ASP B 108 4.00 2.68 10.31
C ASP B 108 3.75 1.28 10.89
N TYR B 109 4.58 0.32 10.49
CA TYR B 109 4.62 -1.07 10.96
C TYR B 109 6.02 -1.43 11.44
N TRP B 110 6.06 -2.26 12.49
CA TRP B 110 7.18 -2.39 13.43
C TRP B 110 7.29 -3.82 13.98
N GLY B 111 8.43 -4.11 14.61
CA GLY B 111 8.69 -5.38 15.30
C GLY B 111 9.01 -5.24 16.78
N GLN B 112 9.09 -6.39 17.46
CA GLN B 112 9.31 -6.50 18.91
C GLN B 112 10.73 -6.12 19.37
N GLY B 113 11.70 -6.09 18.45
CA GLY B 113 13.10 -5.78 18.70
C GLY B 113 13.92 -6.87 19.38
N THR B 114 15.25 -6.64 19.39
CA THR B 114 16.25 -7.54 19.97
C THR B 114 17.46 -6.75 20.47
N LEU B 115 18.21 -7.30 21.44
CA LEU B 115 19.24 -6.57 22.20
C LEU B 115 20.62 -6.64 21.56
N VAL B 116 21.39 -5.55 21.61
CA VAL B 116 22.85 -5.56 21.43
C VAL B 116 23.49 -4.70 22.52
N THR B 117 24.35 -5.30 23.35
CA THR B 117 25.08 -4.66 24.46
C THR B 117 26.52 -5.14 24.52
N VAL B 118 27.45 -4.32 25.00
CA VAL B 118 28.88 -4.66 25.11
C VAL B 118 29.44 -4.43 26.51
N SER B 119 30.28 -5.35 26.97
CA SER B 119 31.09 -5.26 28.20
C SER B 119 32.35 -6.11 28.04
N SER B 120 33.44 -5.77 28.74
CA SER B 120 34.67 -6.58 28.77
C SER B 120 34.50 -7.93 29.49
N ALA B 121 33.37 -8.15 30.16
CA ALA B 121 33.12 -9.32 30.99
C ALA B 121 33.13 -10.66 30.22
N SER B 122 33.72 -11.68 30.85
CA SER B 122 33.46 -13.09 30.55
C SER B 122 32.14 -13.54 31.18
N THR B 123 31.59 -14.67 30.74
CA THR B 123 30.43 -15.30 31.38
C THR B 123 30.74 -15.63 32.85
N LYS B 124 29.86 -15.20 33.77
CA LYS B 124 29.96 -15.44 35.22
C LYS B 124 28.57 -15.66 35.83
N GLY B 125 28.43 -16.69 36.66
CA GLY B 125 27.26 -16.94 37.50
C GLY B 125 27.18 -16.05 38.76
N PRO B 126 26.00 -15.90 39.39
CA PRO B 126 25.76 -14.84 40.36
C PRO B 126 26.57 -14.92 41.66
N SER B 127 27.00 -13.74 42.12
CA SER B 127 27.14 -13.44 43.55
C SER B 127 25.73 -13.24 44.14
N VAL B 128 25.52 -13.62 45.41
CA VAL B 128 24.17 -13.75 46.00
C VAL B 128 24.12 -13.11 47.39
N PHE B 129 22.99 -12.46 47.73
CA PHE B 129 22.79 -11.89 49.07
C PHE B 129 21.32 -12.02 49.53
N PRO B 130 21.03 -12.71 50.66
CA PRO B 130 19.69 -12.75 51.25
C PRO B 130 19.37 -11.41 51.92
N LEU B 131 18.45 -10.66 51.31
CA LEU B 131 18.05 -9.31 51.73
C LEU B 131 17.11 -9.36 52.92
N ALA B 132 17.68 -9.61 54.09
CA ALA B 132 17.00 -9.45 55.36
C ALA B 132 16.77 -7.95 55.67
N PRO B 133 15.67 -7.58 56.36
CA PRO B 133 15.70 -6.40 57.19
C PRO B 133 16.64 -6.65 58.38
N SER B 134 17.37 -5.62 58.85
CA SER B 134 17.90 -5.66 60.22
C SER B 134 16.75 -5.89 61.22
N SER B 135 17.02 -6.53 62.35
CA SER B 135 16.06 -6.64 63.46
C SER B 135 15.55 -5.27 63.95
N LYS B 136 16.36 -4.21 63.77
CA LYS B 136 16.01 -2.80 63.97
C LYS B 136 15.08 -2.20 62.89
N SER B 137 14.54 -3.04 62.00
CA SER B 137 13.64 -2.68 60.91
C SER B 137 12.56 -3.75 60.64
N THR B 138 12.27 -4.63 61.61
CA THR B 138 11.14 -5.59 61.49
C THR B 138 9.81 -4.93 61.88
N SER B 139 8.70 -5.36 61.25
CA SER B 139 7.37 -4.75 61.47
C SER B 139 6.60 -5.44 62.59
N GLY B 140 5.82 -4.65 63.36
CA GLY B 140 4.72 -5.13 64.22
C GLY B 140 3.45 -5.50 63.42
N GLY B 141 3.63 -6.25 62.33
CA GLY B 141 2.66 -6.46 61.26
C GLY B 141 3.32 -7.14 60.05
N THR B 142 3.18 -6.56 58.85
CA THR B 142 3.85 -7.02 57.62
C THR B 142 5.21 -6.34 57.40
N ALA B 143 6.25 -7.14 57.21
CA ALA B 143 7.59 -6.73 56.80
C ALA B 143 7.84 -7.09 55.32
N ALA B 144 9.01 -6.72 54.79
CA ALA B 144 9.52 -7.20 53.51
C ALA B 144 10.92 -7.82 53.64
N LEU B 145 11.23 -8.71 52.70
CA LEU B 145 12.51 -9.39 52.54
C LEU B 145 12.82 -9.55 51.04
N GLY B 146 14.00 -10.06 50.70
CA GLY B 146 14.30 -10.45 49.32
C GLY B 146 15.57 -11.27 49.13
N CYS B 147 15.98 -11.40 47.87
CA CYS B 147 17.25 -11.95 47.44
C CYS B 147 17.82 -11.08 46.30
N LEU B 148 19.09 -10.75 46.41
CA LEU B 148 19.87 -10.05 45.40
C LEU B 148 20.65 -11.08 44.57
N VAL B 149 20.59 -10.93 43.26
CA VAL B 149 21.32 -11.74 42.27
C VAL B 149 22.24 -10.76 41.54
N LYS B 150 23.55 -10.93 41.66
CA LYS B 150 24.49 -9.81 41.49
C LYS B 150 25.82 -10.20 40.82
N ASP B 151 26.44 -9.22 40.17
CA ASP B 151 27.74 -9.33 39.50
C ASP B 151 27.81 -10.58 38.58
N TYR B 152 26.79 -10.82 37.77
CA TYR B 152 26.72 -11.91 36.79
C TYR B 152 26.80 -11.38 35.34
N PHE B 153 27.10 -12.24 34.37
CA PHE B 153 27.11 -11.85 32.95
C PHE B 153 26.98 -13.06 32.01
N PRO B 154 26.40 -12.90 30.81
CA PRO B 154 25.40 -11.89 30.44
C PRO B 154 24.04 -12.18 31.11
N GLU B 155 22.94 -11.56 30.65
CA GLU B 155 21.57 -12.07 30.89
C GLU B 155 21.28 -13.34 30.07
N PRO B 156 20.25 -14.17 30.40
CA PRO B 156 19.24 -13.98 31.44
C PRO B 156 19.50 -14.72 32.77
N VAL B 157 19.07 -14.07 33.87
CA VAL B 157 18.65 -14.75 35.11
C VAL B 157 17.16 -15.11 35.10
N THR B 158 16.79 -16.05 35.97
CA THR B 158 15.42 -16.44 36.32
C THR B 158 15.34 -16.57 37.84
N VAL B 159 14.27 -16.03 38.45
CA VAL B 159 14.12 -15.97 39.92
C VAL B 159 12.68 -16.30 40.33
N SER B 160 12.53 -17.05 41.40
CA SER B 160 11.25 -17.51 41.97
C SER B 160 11.35 -17.64 43.50
N TRP B 161 10.23 -17.91 44.18
CA TRP B 161 10.20 -18.15 45.63
C TRP B 161 9.42 -19.42 45.98
N ASN B 162 9.96 -20.18 46.94
CA ASN B 162 9.46 -21.48 47.41
C ASN B 162 9.02 -22.41 46.26
N SER B 163 9.97 -22.76 45.38
CA SER B 163 9.78 -23.55 44.16
C SER B 163 8.80 -22.93 43.13
N GLY B 164 8.55 -21.62 43.23
CA GLY B 164 7.56 -20.89 42.43
C GLY B 164 6.18 -20.76 43.08
N ALA B 165 5.95 -21.37 44.24
CA ALA B 165 4.64 -21.33 44.92
C ALA B 165 4.36 -20.00 45.65
N LEU B 166 5.39 -19.26 46.07
CA LEU B 166 5.20 -17.97 46.76
C LEU B 166 5.03 -16.83 45.75
N THR B 167 3.80 -16.66 45.27
CA THR B 167 3.36 -15.53 44.43
C THR B 167 2.72 -14.39 45.25
N SER B 168 2.22 -14.68 46.45
CA SER B 168 1.58 -13.72 47.34
C SER B 168 2.53 -12.60 47.75
N GLY B 169 2.34 -11.41 47.18
CA GLY B 169 3.15 -10.21 47.50
C GLY B 169 4.60 -10.26 46.99
N VAL B 170 4.90 -11.06 45.96
CA VAL B 170 6.24 -11.16 45.36
C VAL B 170 6.44 -10.16 44.23
N HIS B 171 7.64 -9.58 44.13
CA HIS B 171 8.03 -8.63 43.08
C HIS B 171 9.48 -8.89 42.62
N THR B 172 9.80 -8.63 41.35
CA THR B 172 11.17 -8.73 40.80
C THR B 172 11.37 -7.60 39.78
N PHE B 173 12.53 -6.95 39.78
CA PHE B 173 12.77 -5.71 39.01
C PHE B 173 13.68 -5.94 37.80
N PRO B 174 13.67 -5.08 36.76
CA PRO B 174 14.61 -5.15 35.66
C PRO B 174 16.07 -5.04 36.13
N ALA B 175 16.99 -5.70 35.42
CA ALA B 175 18.40 -5.72 35.81
C ALA B 175 19.16 -4.43 35.46
N VAL B 176 20.05 -4.03 36.36
CA VAL B 176 21.03 -2.96 36.18
C VAL B 176 22.36 -3.56 35.73
N LEU B 177 22.92 -3.02 34.64
CA LEU B 177 24.32 -3.29 34.26
C LEU B 177 25.20 -2.35 35.09
N GLN B 178 25.60 -2.81 36.26
CA GLN B 178 26.24 -2.03 37.31
C GLN B 178 27.72 -1.71 36.99
N SER B 179 28.27 -0.78 37.77
CA SER B 179 29.60 -0.15 37.59
C SER B 179 30.83 -1.09 37.59
N SER B 180 30.66 -2.39 37.80
CA SER B 180 31.66 -3.44 37.57
C SER B 180 31.70 -3.98 36.14
N GLY B 181 30.78 -3.55 35.26
CA GLY B 181 30.59 -4.10 33.91
C GLY B 181 29.74 -5.38 33.87
N LEU B 182 29.07 -5.72 34.98
CA LEU B 182 28.28 -6.93 35.18
C LEU B 182 26.82 -6.56 35.50
N TYR B 183 25.91 -7.53 35.49
CA TYR B 183 24.47 -7.34 35.75
C TYR B 183 24.09 -7.67 37.21
N SER B 184 23.01 -7.06 37.69
CA SER B 184 22.33 -7.41 38.95
C SER B 184 20.83 -7.09 38.92
N LEU B 185 20.02 -7.86 39.66
CA LEU B 185 18.65 -7.50 40.06
C LEU B 185 18.32 -8.00 41.48
N SER B 186 17.18 -7.57 42.01
CA SER B 186 16.57 -8.13 43.23
C SER B 186 15.20 -8.71 42.94
N SER B 187 14.86 -9.78 43.67
CA SER B 187 13.49 -10.23 43.91
C SER B 187 13.14 -10.08 45.38
N VAL B 188 11.91 -9.71 45.70
CA VAL B 188 11.45 -9.34 47.05
C VAL B 188 10.04 -9.87 47.32
N VAL B 189 9.68 -10.02 48.59
CA VAL B 189 8.33 -10.45 49.01
C VAL B 189 7.90 -9.80 50.34
N THR B 190 6.60 -9.48 50.47
CA THR B 190 6.00 -8.88 51.67
C THR B 190 5.21 -9.91 52.49
N VAL B 191 5.51 -10.06 53.80
CA VAL B 191 4.97 -11.14 54.65
C VAL B 191 4.75 -10.68 56.10
N PRO B 192 3.83 -11.30 56.89
CA PRO B 192 3.70 -11.02 58.31
C PRO B 192 4.93 -11.52 59.09
N SER B 193 5.54 -10.66 59.91
CA SER B 193 6.89 -10.88 60.48
C SER B 193 7.07 -12.15 61.31
N SER B 194 6.01 -12.61 61.99
CA SER B 194 6.01 -13.86 62.76
C SER B 194 6.18 -15.10 61.86
N SER B 195 5.62 -15.06 60.64
CA SER B 195 5.83 -16.11 59.64
C SER B 195 7.26 -16.11 59.10
N LEU B 196 7.89 -14.94 58.94
CA LEU B 196 9.29 -14.83 58.52
C LEU B 196 10.25 -15.46 59.56
N GLY B 197 9.95 -15.27 60.85
CA GLY B 197 10.67 -15.90 61.97
C GLY B 197 10.40 -17.39 62.20
N THR B 198 9.56 -18.05 61.39
CA THR B 198 9.17 -19.46 61.56
C THR B 198 9.12 -20.22 60.23
N GLN B 199 8.13 -19.90 59.39
CA GLN B 199 8.05 -20.26 57.97
C GLN B 199 8.96 -19.33 57.13
N THR B 200 10.26 -19.32 57.44
CA THR B 200 11.27 -18.47 56.78
C THR B 200 11.36 -18.78 55.29
N TYR B 201 10.93 -17.84 54.45
CA TYR B 201 10.73 -18.02 53.02
C TYR B 201 12.04 -18.13 52.22
N ILE B 202 11.95 -18.82 51.08
CA ILE B 202 13.09 -19.31 50.29
C ILE B 202 13.01 -18.71 48.88
N CYS B 203 14.12 -18.19 48.35
CA CYS B 203 14.26 -17.82 46.95
C CYS B 203 15.02 -18.89 46.16
N ASN B 204 14.62 -19.13 44.91
CA ASN B 204 15.11 -20.20 44.04
C ASN B 204 15.36 -19.65 42.62
N VAL B 205 16.57 -19.84 42.09
CA VAL B 205 17.15 -19.04 41.00
C VAL B 205 17.86 -19.94 39.97
N ASN B 206 17.90 -19.53 38.69
CA ASN B 206 18.91 -20.00 37.72
C ASN B 206 19.42 -18.86 36.83
N HIS B 207 20.74 -18.77 36.67
CA HIS B 207 21.39 -17.95 35.64
C HIS B 207 21.68 -18.82 34.43
N LYS B 208 21.02 -18.56 33.29
CA LYS B 208 21.10 -19.47 32.15
C LYS B 208 22.44 -19.49 31.41
N PRO B 209 23.17 -18.36 31.23
CA PRO B 209 24.45 -18.36 30.52
C PRO B 209 25.58 -19.09 31.25
N SER B 210 25.72 -18.95 32.58
CA SER B 210 26.66 -19.74 33.38
C SER B 210 26.07 -21.07 33.87
N ASN B 211 24.81 -21.35 33.50
CA ASN B 211 23.94 -22.46 33.93
C ASN B 211 23.74 -22.64 35.46
N THR B 212 24.37 -21.83 36.31
CA THR B 212 24.32 -21.94 37.78
C THR B 212 22.92 -21.73 38.33
N LYS B 213 22.39 -22.73 39.04
CA LYS B 213 21.22 -22.57 39.93
C LYS B 213 21.68 -22.08 41.30
N VAL B 214 20.83 -21.31 41.98
CA VAL B 214 21.09 -20.72 43.29
C VAL B 214 19.84 -20.86 44.17
N ASP B 215 20.02 -21.00 45.47
CA ASP B 215 18.94 -20.96 46.47
C ASP B 215 19.39 -20.14 47.70
N LYS B 216 18.44 -19.56 48.44
CA LYS B 216 18.68 -18.91 49.75
C LYS B 216 17.39 -18.83 50.56
N LYS B 217 17.48 -18.69 51.89
CA LYS B 217 16.36 -18.28 52.76
C LYS B 217 16.77 -17.13 53.68
N VAL B 218 15.79 -16.40 54.22
CA VAL B 218 16.01 -15.05 54.76
C VAL B 218 15.41 -14.85 56.15
N ASP C 2 19.28 15.61 10.87
CA ASP C 2 18.92 15.62 12.30
C ASP C 2 18.09 16.87 12.55
N ILE C 3 16.94 16.70 13.20
CA ILE C 3 16.25 17.75 13.96
C ILE C 3 15.77 17.08 15.26
N GLN C 4 16.15 17.59 16.43
CA GLN C 4 15.88 16.92 17.70
C GLN C 4 14.41 17.08 18.07
N MET C 5 13.65 15.97 18.09
CA MET C 5 12.18 15.97 18.26
C MET C 5 11.81 15.53 19.67
N THR C 6 12.12 16.39 20.64
CA THR C 6 11.85 16.18 22.08
C THR C 6 10.36 15.97 22.40
N GLN C 7 10.05 15.25 23.48
CA GLN C 7 8.69 15.13 24.05
C GLN C 7 8.58 15.93 25.36
N SER C 8 7.36 16.28 25.78
CA SER C 8 7.10 16.73 27.16
C SER C 8 5.65 16.52 27.62
N PRO C 9 5.38 16.52 28.94
CA PRO C 9 6.32 16.36 30.05
C PRO C 9 6.62 14.87 30.31
N SER C 10 7.86 14.51 30.67
CA SER C 10 8.38 13.12 30.64
C SER C 10 7.60 12.06 31.44
N SER C 11 6.83 12.46 32.44
CA SER C 11 5.92 11.63 33.23
C SER C 11 4.66 12.43 33.53
N LEU C 12 3.47 11.89 33.24
CA LEU C 12 2.19 12.52 33.55
C LEU C 12 1.12 11.47 33.89
N SER C 13 0.47 11.62 35.04
CA SER C 13 -0.50 10.62 35.55
C SER C 13 -1.92 10.88 35.04
N ALA C 14 -2.48 9.91 34.30
CA ALA C 14 -3.87 9.90 33.86
C ALA C 14 -4.59 8.57 34.18
N SER C 15 -5.91 8.59 34.37
CA SER C 15 -6.74 7.40 34.61
C SER C 15 -7.50 6.97 33.36
N VAL C 16 -7.93 5.70 33.32
CA VAL C 16 -8.84 5.19 32.29
C VAL C 16 -10.10 6.06 32.26
N GLY C 17 -10.48 6.54 31.08
CA GLY C 17 -11.53 7.51 30.84
C GLY C 17 -11.05 8.95 30.61
N ASP C 18 -9.89 9.36 31.13
CA ASP C 18 -9.38 10.73 31.01
C ASP C 18 -9.22 11.18 29.54
N ARG C 19 -9.50 12.46 29.25
CA ARG C 19 -8.83 13.14 28.13
C ARG C 19 -7.38 13.37 28.52
N VAL C 20 -6.43 13.01 27.65
CA VAL C 20 -4.99 13.16 27.89
C VAL C 20 -4.32 13.94 26.75
N THR C 21 -3.24 14.65 27.07
CA THR C 21 -2.45 15.46 26.12
C THR C 21 -0.96 15.18 26.34
N ILE C 22 -0.18 15.20 25.26
CA ILE C 22 1.30 15.17 25.29
C ILE C 22 1.79 16.19 24.27
N THR C 23 2.96 16.81 24.47
CA THR C 23 3.56 17.74 23.50
C THR C 23 4.92 17.26 22.99
N CYS C 24 5.33 17.83 21.87
CA CYS C 24 6.50 17.49 21.08
C CYS C 24 7.13 18.79 20.55
N LYS C 25 8.46 18.92 20.60
CA LYS C 25 9.15 20.15 20.18
C LYS C 25 10.44 19.87 19.42
N ALA C 26 10.63 20.60 18.32
CA ALA C 26 11.75 20.50 17.40
C ALA C 26 12.88 21.48 17.70
N SER C 27 14.08 21.22 17.16
CA SER C 27 15.19 22.20 17.10
C SER C 27 15.18 23.12 15.87
N GLN C 28 14.31 22.86 14.89
CA GLN C 28 14.21 23.53 13.59
C GLN C 28 12.80 23.33 13.02
N ASP C 29 12.38 24.11 12.01
CA ASP C 29 11.10 23.90 11.31
C ASP C 29 10.97 22.47 10.75
N VAL C 30 9.82 21.86 11.07
CA VAL C 30 9.33 20.57 10.59
C VAL C 30 7.83 20.70 10.29
N SER C 31 7.45 21.83 9.68
CA SER C 31 6.09 22.38 9.55
C SER C 31 4.93 21.40 9.28
N ILE C 32 5.07 20.50 8.29
CA ILE C 32 4.17 19.35 8.06
C ILE C 32 4.94 18.01 8.08
N GLY C 33 6.12 18.03 8.72
CA GLY C 33 7.15 17.00 8.73
C GLY C 33 7.30 16.26 10.05
N VAL C 34 6.23 16.12 10.84
CA VAL C 34 6.22 15.42 12.14
C VAL C 34 5.15 14.33 12.21
N ALA C 35 5.53 13.19 12.78
CA ALA C 35 4.67 12.05 13.11
C ALA C 35 4.72 11.70 14.61
N TRP C 36 3.73 10.97 15.11
CA TRP C 36 3.54 10.61 16.53
C TRP C 36 3.40 9.10 16.77
N TYR C 37 3.81 8.63 17.96
CA TYR C 37 3.98 7.23 18.32
C TYR C 37 3.55 6.89 19.75
N GLN C 38 3.16 5.63 19.96
CA GLN C 38 3.14 4.94 21.26
C GLN C 38 3.97 3.64 21.16
N GLN C 39 4.60 3.24 22.27
CA GLN C 39 5.21 1.93 22.49
C GLN C 39 4.83 1.42 23.89
N LYS C 40 4.13 0.27 23.93
CA LYS C 40 3.66 -0.38 25.17
C LYS C 40 4.81 -1.11 25.89
N PRO C 41 4.69 -1.37 27.22
CA PRO C 41 5.74 -2.05 27.99
C PRO C 41 6.16 -3.41 27.39
N GLY C 42 7.41 -3.50 26.93
CA GLY C 42 7.96 -4.70 26.29
C GLY C 42 7.28 -5.08 24.97
N LYS C 43 6.83 -4.11 24.17
CA LYS C 43 6.17 -4.31 22.87
C LYS C 43 6.83 -3.52 21.74
N ALA C 44 6.45 -3.82 20.50
CA ALA C 44 6.70 -2.98 19.33
C ALA C 44 6.08 -1.57 19.50
N PRO C 45 6.67 -0.52 18.90
CA PRO C 45 5.99 0.76 18.67
C PRO C 45 4.86 0.63 17.64
N LYS C 46 3.99 1.65 17.56
CA LYS C 46 3.21 1.93 16.34
C LYS C 46 2.95 3.43 16.13
N LEU C 47 2.85 3.80 14.86
CA LEU C 47 2.44 5.13 14.40
C LEU C 47 1.00 5.43 14.83
N LEU C 48 0.74 6.69 15.22
CA LEU C 48 -0.58 7.21 15.58
C LEU C 48 -1.07 8.25 14.57
N ILE C 49 -0.27 9.30 14.36
CA ILE C 49 -0.61 10.51 13.60
C ILE C 49 0.56 10.88 12.67
N TYR C 50 0.29 11.42 11.49
CA TYR C 50 1.27 11.96 10.54
C TYR C 50 0.91 13.38 10.06
N SER C 51 1.92 14.13 9.59
CA SER C 51 1.84 15.56 9.27
C SER C 51 1.08 16.35 10.35
N ALA C 52 1.54 16.16 11.60
CA ALA C 52 0.96 16.64 12.86
C ALA C 52 -0.46 16.16 13.20
N SER C 53 -1.33 15.89 12.24
CA SER C 53 -2.79 15.90 12.42
C SER C 53 -3.57 14.74 11.80
N TYR C 54 -3.06 14.07 10.76
CA TYR C 54 -3.76 12.95 10.11
C TYR C 54 -3.56 11.65 10.89
N ARG C 55 -4.62 11.08 11.47
CA ARG C 55 -4.54 9.74 12.07
C ARG C 55 -4.28 8.68 10.99
N TYR C 56 -3.47 7.67 11.31
CA TYR C 56 -3.16 6.57 10.40
C TYR C 56 -4.13 5.37 10.49
N THR C 57 -4.05 4.48 9.50
CA THR C 57 -4.77 3.21 9.36
C THR C 57 -4.68 2.33 10.61
N GLY C 58 -5.82 1.85 11.08
CA GLY C 58 -5.92 0.90 12.20
C GLY C 58 -5.64 1.50 13.58
N VAL C 59 -5.34 2.80 13.68
CA VAL C 59 -5.09 3.48 14.95
C VAL C 59 -6.42 3.70 15.71
N PRO C 60 -6.50 3.36 17.02
CA PRO C 60 -7.76 3.37 17.77
C PRO C 60 -8.54 4.69 17.77
N SER C 61 -9.85 4.55 18.03
CA SER C 61 -10.88 5.61 18.00
C SER C 61 -10.53 6.91 18.74
N ARG C 62 -9.69 6.82 19.78
CA ARG C 62 -9.35 7.88 20.73
C ARG C 62 -8.24 8.85 20.32
N PHE C 63 -7.41 8.54 19.32
CA PHE C 63 -6.17 9.31 19.05
C PHE C 63 -6.37 10.53 18.12
N SER C 64 -5.65 11.61 18.41
CA SER C 64 -5.62 12.85 17.61
C SER C 64 -4.28 13.59 17.77
N GLY C 65 -3.95 14.52 16.87
CA GLY C 65 -2.76 15.35 16.95
C GLY C 65 -2.94 16.75 16.34
N SER C 66 -2.03 17.68 16.64
CA SER C 66 -2.04 19.06 16.13
C SER C 66 -0.66 19.73 16.22
N GLY C 67 -0.59 21.02 15.86
CA GLY C 67 0.62 21.84 15.90
C GLY C 67 1.38 21.89 14.57
N SER C 68 2.39 22.77 14.50
CA SER C 68 3.19 23.04 13.28
C SER C 68 4.44 23.85 13.63
N GLY C 69 5.25 24.19 12.63
CA GLY C 69 6.52 24.90 12.79
C GLY C 69 7.51 24.06 13.57
N THR C 70 7.69 24.41 14.85
CA THR C 70 8.55 23.71 15.82
C THR C 70 7.78 22.99 16.93
N ASP C 71 6.47 23.17 17.07
CA ASP C 71 5.72 22.79 18.29
C ASP C 71 4.44 22.00 17.97
N PHE C 72 4.30 20.82 18.58
CA PHE C 72 3.37 19.77 18.17
C PHE C 72 2.69 19.10 19.38
N THR C 73 1.52 18.52 19.15
CA THR C 73 0.62 18.02 20.18
C THR C 73 0.07 16.64 19.81
N LEU C 74 -0.03 15.75 20.79
CA LEU C 74 -0.87 14.55 20.78
C LEU C 74 -2.05 14.79 21.73
N THR C 75 -3.21 14.23 21.42
CA THR C 75 -4.34 14.14 22.36
C THR C 75 -5.06 12.81 22.23
N ILE C 76 -5.38 12.23 23.37
CA ILE C 76 -6.23 11.04 23.52
C ILE C 76 -7.56 11.54 24.07
N SER C 77 -8.66 11.36 23.35
CA SER C 77 -9.97 11.93 23.71
C SER C 77 -10.59 11.28 24.94
N SER C 78 -10.33 9.98 25.15
CA SER C 78 -10.61 9.23 26.38
C SER C 78 -9.65 8.04 26.47
N LEU C 79 -8.98 7.90 27.62
CA LEU C 79 -7.87 6.97 27.83
C LEU C 79 -8.33 5.53 28.06
N GLN C 80 -7.62 4.55 27.50
CA GLN C 80 -7.87 3.11 27.72
C GLN C 80 -6.92 2.50 28.78
N PRO C 81 -7.22 1.29 29.31
CA PRO C 81 -6.32 0.53 30.19
C PRO C 81 -4.98 0.11 29.56
N GLU C 82 -4.86 0.26 28.24
CA GLU C 82 -3.73 -0.12 27.39
C GLU C 82 -2.79 1.06 27.04
N ASP C 83 -3.05 2.27 27.54
CA ASP C 83 -2.29 3.50 27.21
C ASP C 83 -1.15 3.83 28.20
N PHE C 84 -0.94 2.99 29.22
CA PHE C 84 0.13 3.15 30.21
C PHE C 84 1.47 2.69 29.62
N ALA C 85 2.07 3.61 28.86
CA ALA C 85 3.04 3.35 27.81
C ALA C 85 4.00 4.52 27.61
N THR C 86 5.03 4.31 26.81
CA THR C 86 5.97 5.35 26.34
C THR C 86 5.50 5.93 25.01
N TYR C 87 5.71 7.22 24.78
CA TYR C 87 5.29 7.96 23.59
C TYR C 87 6.46 8.72 22.97
N TYR C 88 6.45 8.87 21.64
CA TYR C 88 7.46 9.59 20.87
C TYR C 88 6.81 10.46 19.79
N CYS C 89 7.55 11.44 19.27
CA CYS C 89 7.33 12.02 17.94
C CYS C 89 8.62 11.91 17.10
N GLN C 90 8.49 12.04 15.78
CA GLN C 90 9.59 11.89 14.82
C GLN C 90 9.52 12.96 13.72
N GLN C 91 10.67 13.45 13.24
CA GLN C 91 10.78 14.31 12.05
C GLN C 91 11.18 13.53 10.80
N TYR C 92 10.82 14.09 9.65
CA TYR C 92 11.12 13.53 8.32
C TYR C 92 11.42 14.59 7.25
N TYR C 93 12.08 15.68 7.64
CA TYR C 93 12.60 16.70 6.72
C TYR C 93 14.11 16.52 6.47
N ILE C 94 14.94 16.39 7.51
CA ILE C 94 16.41 16.52 7.40
C ILE C 94 17.12 15.26 7.88
N TYR C 95 17.84 14.59 6.96
CA TYR C 95 18.71 13.45 7.22
C TYR C 95 19.85 13.77 8.23
N PRO C 96 20.31 12.81 9.08
CA PRO C 96 19.63 11.58 9.46
C PRO C 96 18.37 11.87 10.29
N TYR C 97 17.41 10.95 10.25
CA TYR C 97 16.06 11.15 10.79
C TYR C 97 15.96 10.75 12.27
N THR C 98 15.10 11.44 13.03
CA THR C 98 15.27 11.58 14.49
C THR C 98 13.95 11.69 15.25
N PHE C 99 13.95 11.13 16.46
CA PHE C 99 12.85 11.19 17.44
C PHE C 99 13.27 12.08 18.63
N GLY C 100 12.79 11.77 19.85
CA GLY C 100 13.17 12.41 21.11
C GLY C 100 13.46 11.43 22.24
N GLN C 101 13.55 11.97 23.45
CA GLN C 101 13.96 11.24 24.65
C GLN C 101 12.88 10.33 25.27
N GLY C 102 11.65 10.40 24.78
CA GLY C 102 10.50 9.65 25.29
C GLY C 102 9.72 10.36 26.41
N THR C 103 8.51 9.87 26.67
CA THR C 103 7.60 10.35 27.72
C THR C 103 6.62 9.23 28.09
N LYS C 104 6.34 9.02 29.38
CA LYS C 104 5.33 8.05 29.86
C LYS C 104 3.98 8.74 30.14
N VAL C 105 2.88 8.15 29.68
CA VAL C 105 1.58 8.35 30.34
C VAL C 105 1.51 7.36 31.49
N GLU C 106 1.58 7.87 32.71
CA GLU C 106 1.52 7.12 33.94
C GLU C 106 0.07 6.87 34.36
N ILE C 107 -0.18 5.80 35.12
CA ILE C 107 -1.51 5.48 35.66
C ILE C 107 -1.80 6.29 36.94
N LYS C 108 -2.89 7.08 36.92
CA LYS C 108 -3.34 7.95 38.02
C LYS C 108 -4.18 7.19 39.05
N ARG C 109 -3.70 7.19 40.30
CA ARG C 109 -4.46 6.82 41.50
C ARG C 109 -3.85 7.51 42.74
N THR C 110 -4.46 7.36 43.91
CA THR C 110 -4.10 8.08 45.16
C THR C 110 -2.63 7.84 45.56
N VAL C 111 -2.00 8.82 46.21
CA VAL C 111 -0.68 8.66 46.86
C VAL C 111 -0.67 7.48 47.83
N ALA C 112 0.48 6.83 48.00
CA ALA C 112 0.61 5.61 48.79
C ALA C 112 1.95 5.51 49.52
N ALA C 113 1.95 4.86 50.68
CA ALA C 113 2.99 4.98 51.69
C ALA C 113 4.24 4.13 51.40
N PRO C 114 5.44 4.73 51.21
CA PRO C 114 6.68 3.97 51.05
C PRO C 114 6.97 3.13 52.29
N SER C 115 6.75 1.82 52.15
CA SER C 115 6.89 0.82 53.19
C SER C 115 8.30 0.25 53.12
N VAL C 116 9.18 0.67 54.05
CA VAL C 116 10.64 0.69 53.82
C VAL C 116 11.49 -0.13 54.78
N PHE C 117 12.49 -0.80 54.21
CA PHE C 117 13.35 -1.80 54.86
C PHE C 117 14.82 -1.61 54.46
N ILE C 118 15.74 -2.12 55.29
CA ILE C 118 17.18 -1.85 55.16
C ILE C 118 18.01 -3.09 55.51
N PHE C 119 18.96 -3.44 54.63
CA PHE C 119 19.75 -4.66 54.69
C PHE C 119 21.22 -4.34 55.05
N PRO C 120 21.67 -4.65 56.29
CA PRO C 120 23.10 -4.77 56.57
C PRO C 120 23.63 -5.99 55.78
N PRO C 121 24.76 -5.86 55.06
CA PRO C 121 25.19 -6.85 54.07
C PRO C 121 25.51 -8.22 54.70
N SER C 122 24.59 -9.16 54.53
CA SER C 122 24.40 -10.52 55.09
C SER C 122 25.48 -11.16 55.97
N ASP C 123 25.01 -12.07 56.81
CA ASP C 123 25.76 -13.10 57.53
C ASP C 123 26.57 -14.07 56.64
N GLU C 124 26.38 -14.11 55.32
CA GLU C 124 27.30 -14.80 54.38
C GLU C 124 28.30 -13.85 53.71
N GLN C 125 27.99 -12.56 53.58
CA GLN C 125 28.97 -11.51 53.28
C GLN C 125 29.91 -11.24 54.47
N LEU C 126 29.44 -11.45 55.71
CA LEU C 126 30.28 -11.44 56.92
C LEU C 126 31.47 -12.40 56.82
N LYS C 127 31.35 -13.46 55.99
CA LYS C 127 32.49 -14.25 55.47
C LYS C 127 33.07 -13.60 54.20
N SER C 128 32.27 -13.53 53.13
CA SER C 128 32.70 -13.29 51.74
C SER C 128 33.25 -11.89 51.41
N GLY C 129 33.00 -10.88 52.24
CA GLY C 129 33.68 -9.57 52.21
C GLY C 129 33.29 -8.56 51.12
N THR C 130 32.49 -8.95 50.12
CA THR C 130 31.93 -8.03 49.13
C THR C 130 30.63 -7.40 49.64
N ALA C 131 30.73 -6.35 50.46
CA ALA C 131 29.63 -5.65 51.11
C ALA C 131 28.63 -5.01 50.12
N SER C 132 27.73 -5.81 49.55
CA SER C 132 26.63 -5.36 48.69
C SER C 132 25.41 -5.03 49.55
N VAL C 133 25.30 -3.77 49.95
CA VAL C 133 24.27 -3.22 50.84
C VAL C 133 22.99 -2.92 50.04
N VAL C 134 21.80 -3.05 50.64
CA VAL C 134 20.52 -2.77 49.97
C VAL C 134 19.52 -2.03 50.86
N CYS C 135 18.71 -1.19 50.24
CA CYS C 135 17.57 -0.48 50.79
C CYS C 135 16.34 -0.75 49.92
N LEU C 136 15.17 -0.94 50.52
CA LEU C 136 13.98 -1.48 49.87
C LEU C 136 12.75 -0.64 50.20
N LEU C 137 12.01 -0.25 49.16
CA LEU C 137 10.67 0.37 49.22
C LEU C 137 9.66 -0.61 48.60
N ASN C 138 8.44 -0.64 49.15
CA ASN C 138 7.24 -1.10 48.44
C ASN C 138 6.04 -0.17 48.72
N ASN C 139 4.92 -0.43 48.05
CA ASN C 139 3.62 0.19 48.28
C ASN C 139 3.55 1.71 48.02
N PHE C 140 4.48 2.31 47.26
CA PHE C 140 4.55 3.77 47.10
C PHE C 140 3.90 4.32 45.83
N TYR C 141 3.40 5.56 45.86
CA TYR C 141 2.90 6.28 44.69
C TYR C 141 2.92 7.81 44.96
N PRO C 142 3.28 8.68 43.99
CA PRO C 142 3.60 8.43 42.56
C PRO C 142 4.98 7.82 42.31
N ARG C 143 5.43 7.74 41.05
CA ARG C 143 6.73 7.15 40.67
C ARG C 143 7.92 8.02 41.13
N GLU C 144 7.70 9.32 41.25
CA GLU C 144 8.72 10.35 41.37
C GLU C 144 9.30 10.42 42.80
N ALA C 145 10.62 10.23 42.91
CA ALA C 145 11.37 10.17 44.15
C ALA C 145 12.87 10.40 43.90
N LYS C 146 13.61 10.76 44.95
CA LYS C 146 15.04 10.43 45.11
C LYS C 146 15.16 9.31 46.14
N VAL C 147 15.96 8.30 45.83
CA VAL C 147 16.64 7.45 46.82
C VAL C 147 18.15 7.56 46.58
N GLN C 148 18.94 7.52 47.66
CA GLN C 148 20.41 7.44 47.60
C GLN C 148 21.01 7.06 48.95
N TRP C 149 22.33 6.83 48.97
CA TRP C 149 23.08 6.35 50.12
C TRP C 149 23.83 7.44 50.87
N LYS C 150 23.94 7.23 52.18
CA LYS C 150 24.76 8.00 53.10
C LYS C 150 25.67 7.09 53.93
N VAL C 151 26.81 7.64 54.34
CA VAL C 151 27.78 6.98 55.24
C VAL C 151 28.27 7.99 56.27
N ASP C 152 28.17 7.64 57.54
CA ASP C 152 28.26 8.50 58.74
C ASP C 152 27.36 9.74 58.66
N ASN C 153 27.76 10.78 57.92
CA ASN C 153 26.89 11.90 57.54
C ASN C 153 27.12 12.44 56.10
N ALA C 154 28.05 11.86 55.34
CA ALA C 154 28.27 12.16 53.92
C ALA C 154 27.25 11.42 53.02
N LEU C 155 27.17 11.80 51.74
CA LEU C 155 26.46 11.07 50.69
C LEU C 155 27.45 10.23 49.86
N GLN C 156 26.99 9.09 49.33
CA GLN C 156 27.80 8.18 48.51
C GLN C 156 27.01 7.73 47.27
N SER C 157 27.70 7.65 46.12
CA SER C 157 27.08 7.30 44.84
C SER C 157 28.10 6.74 43.82
N GLY C 158 27.64 6.31 42.64
CA GLY C 158 28.48 5.80 41.54
C GLY C 158 28.93 4.33 41.73
N ASN C 159 29.16 3.91 42.97
CA ASN C 159 29.11 2.51 43.40
C ASN C 159 27.68 2.07 43.82
N SER C 160 26.69 2.93 43.59
CA SER C 160 25.26 2.66 43.80
C SER C 160 24.52 2.38 42.49
N GLN C 161 23.46 1.56 42.55
CA GLN C 161 22.51 1.31 41.47
C GLN C 161 21.11 1.01 42.03
N GLU C 162 20.06 1.36 41.29
CA GLU C 162 18.67 1.25 41.75
C GLU C 162 17.74 0.70 40.65
N SER C 163 16.69 -0.05 41.02
CA SER C 163 15.70 -0.59 40.08
C SER C 163 14.31 -0.70 40.72
N VAL C 164 13.27 -0.84 39.88
CA VAL C 164 11.85 -0.64 40.24
C VAL C 164 10.90 -1.63 39.56
N THR C 165 9.65 -1.68 40.01
CA THR C 165 8.54 -2.28 39.24
C THR C 165 8.09 -1.41 38.06
N GLU C 166 7.43 -2.04 37.09
CA GLU C 166 6.51 -1.42 36.14
C GLU C 166 5.17 -2.19 36.22
N GLN C 167 4.06 -1.50 35.98
CA GLN C 167 2.92 -1.58 36.91
C GLN C 167 1.74 -2.47 36.48
N ASP C 168 1.17 -3.18 37.46
CA ASP C 168 -0.14 -3.86 37.33
C ASP C 168 -1.28 -2.87 37.59
N SER C 169 -2.12 -2.63 36.57
CA SER C 169 -3.24 -1.68 36.59
C SER C 169 -4.36 -2.00 37.58
N LYS C 170 -4.29 -3.11 38.31
CA LYS C 170 -5.16 -3.42 39.48
C LYS C 170 -4.92 -2.49 40.68
N ASP C 171 -3.72 -1.93 40.83
CA ASP C 171 -3.38 -0.97 41.89
C ASP C 171 -2.26 0.00 41.46
N SER C 172 -1.14 -0.52 40.93
CA SER C 172 -0.02 0.28 40.45
C SER C 172 0.71 1.17 41.48
N THR C 173 0.75 0.77 42.76
CA THR C 173 1.82 1.21 43.68
C THR C 173 3.16 0.51 43.36
N TYR C 174 4.26 1.20 43.56
CA TYR C 174 5.61 0.79 43.16
C TYR C 174 6.37 0.04 44.26
N SER C 175 7.33 -0.77 43.81
CA SER C 175 8.49 -1.18 44.59
C SER C 175 9.78 -0.58 44.01
N LEU C 176 10.79 -0.41 44.85
CA LEU C 176 12.14 0.01 44.47
C LEU C 176 13.17 -0.70 45.36
N SER C 177 14.27 -1.18 44.77
CA SER C 177 15.50 -1.46 45.52
C SER C 177 16.60 -0.48 45.11
N SER C 178 17.34 -0.01 46.12
CA SER C 178 18.59 0.73 45.96
C SER C 178 19.71 -0.10 46.55
N THR C 179 20.82 -0.22 45.80
CA THR C 179 21.97 -1.09 46.11
C THR C 179 23.23 -0.24 46.17
N LEU C 180 24.17 -0.59 47.04
CA LEU C 180 25.50 0.01 47.16
C LEU C 180 26.57 -1.08 47.28
N THR C 181 27.62 -1.02 46.45
CA THR C 181 28.72 -2.00 46.48
C THR C 181 29.93 -1.42 47.21
N LEU C 182 30.35 -2.08 48.30
CA LEU C 182 31.49 -1.77 49.14
C LEU C 182 32.29 -3.06 49.46
N SER C 183 33.35 -2.94 50.27
CA SER C 183 34.13 -4.06 50.80
C SER C 183 34.05 -4.15 52.34
N LYS C 184 34.53 -5.26 52.92
CA LYS C 184 34.73 -5.37 54.38
C LYS C 184 35.79 -4.38 54.92
N ALA C 185 36.70 -3.90 54.07
CA ALA C 185 37.65 -2.83 54.39
C ALA C 185 37.02 -1.42 54.33
N ASP C 186 35.79 -1.29 53.82
CA ASP C 186 34.93 -0.13 54.04
C ASP C 186 34.03 -0.33 55.26
N TYR C 187 33.60 -1.56 55.55
CA TYR C 187 32.72 -1.85 56.68
C TYR C 187 33.30 -1.40 58.05
N GLU C 188 34.62 -1.57 58.22
CA GLU C 188 35.39 -1.11 59.37
C GLU C 188 35.89 0.35 59.27
N LYS C 189 35.60 1.07 58.19
CA LYS C 189 36.14 2.43 57.90
C LYS C 189 35.32 3.57 58.53
N HIS C 190 34.08 3.28 58.94
CA HIS C 190 33.04 4.24 59.32
C HIS C 190 32.43 3.89 60.70
N LYS C 191 31.21 4.35 61.01
CA LYS C 191 30.37 3.80 62.09
C LYS C 191 28.94 3.53 61.62
N VAL C 192 28.33 4.40 60.81
CA VAL C 192 26.91 4.33 60.41
C VAL C 192 26.77 4.31 58.88
N TYR C 193 25.74 3.61 58.40
CA TYR C 193 25.32 3.53 57.01
C TYR C 193 23.84 3.88 56.92
N ALA C 194 23.41 4.62 55.89
CA ALA C 194 22.03 5.10 55.78
C ALA C 194 21.51 5.22 54.34
N CYS C 195 20.19 5.25 54.20
CA CYS C 195 19.44 5.32 52.94
C CYS C 195 18.37 6.41 53.04
N GLU C 196 18.41 7.37 52.12
CA GLU C 196 17.47 8.48 52.03
C GLU C 196 16.20 8.05 51.29
N VAL C 197 15.01 8.27 51.89
CA VAL C 197 13.72 7.95 51.27
C VAL C 197 12.95 9.25 50.98
N THR C 198 13.50 10.04 50.07
CA THR C 198 12.93 11.34 49.65
C THR C 198 11.85 11.14 48.57
N HIS C 199 10.65 10.79 49.04
CA HIS C 199 9.44 10.58 48.24
C HIS C 199 8.20 11.20 48.94
N GLN C 200 7.12 11.43 48.20
CA GLN C 200 5.91 12.16 48.61
C GLN C 200 4.90 11.34 49.43
N GLY C 201 4.89 10.01 49.30
CA GLY C 201 3.82 9.13 49.80
C GLY C 201 3.63 9.03 51.33
N LEU C 202 4.52 9.63 52.13
CA LEU C 202 4.36 9.83 53.58
C LEU C 202 4.88 11.23 53.94
N SER C 203 4.35 11.85 55.01
CA SER C 203 4.65 13.23 55.39
C SER C 203 6.01 13.41 56.12
N SER C 204 7.01 12.56 55.80
CA SER C 204 8.43 12.79 56.09
C SER C 204 9.30 11.90 55.18
N PRO C 205 10.56 12.29 54.87
CA PRO C 205 11.50 11.40 54.20
C PRO C 205 11.88 10.22 55.11
N VAL C 206 11.36 9.02 54.79
CA VAL C 206 11.34 7.84 55.69
C VAL C 206 12.70 7.12 55.75
N THR C 207 13.71 7.89 56.12
CA THR C 207 15.15 7.55 56.08
C THR C 207 15.47 6.33 56.94
N LYS C 208 16.36 5.46 56.45
CA LYS C 208 16.76 4.19 57.10
C LYS C 208 18.25 4.18 57.42
N SER C 209 18.67 3.34 58.37
CA SER C 209 20.09 3.19 58.75
C SER C 209 20.44 1.83 59.37
N PHE C 210 21.74 1.54 59.46
CA PHE C 210 22.37 0.43 60.22
C PHE C 210 23.84 0.77 60.54
N ASN C 211 24.53 -0.10 61.30
CA ASN C 211 25.86 0.18 61.89
C ASN C 211 27.00 -0.77 61.45
N ARG C 212 28.25 -0.30 61.59
CA ARG C 212 29.48 -1.12 61.68
C ARG C 212 29.46 -2.03 62.91
N GLY C 213 29.03 -1.48 64.05
CA GLY C 213 28.86 -2.20 65.30
C GLY C 213 27.50 -2.88 65.37
N GLU C 214 26.51 -2.13 65.85
CA GLU C 214 25.21 -2.58 66.34
C GLU C 214 24.18 -2.88 65.21
N CYS C 215 24.66 -3.30 64.04
CA CYS C 215 23.98 -3.42 62.72
C CYS C 215 22.55 -2.85 62.62
N GLU D 129 -17.13 47.74 -1.16
CA GLU D 129 -17.60 47.38 -2.52
C GLU D 129 -17.58 45.86 -2.66
N VAL D 130 -18.24 45.30 -3.67
CA VAL D 130 -17.97 43.92 -4.15
C VAL D 130 -16.71 43.98 -5.03
N GLN D 131 -15.86 42.95 -5.04
CA GLN D 131 -14.54 43.02 -5.70
C GLN D 131 -13.99 41.63 -6.05
N LEU D 132 -12.95 41.57 -6.86
CA LEU D 132 -12.22 40.36 -7.28
C LEU D 132 -10.72 40.50 -6.98
N VAL D 133 -9.94 39.44 -7.20
CA VAL D 133 -8.47 39.43 -7.13
C VAL D 133 -7.90 38.57 -8.26
N GLU D 134 -7.15 39.16 -9.20
CA GLU D 134 -6.42 38.44 -10.26
C GLU D 134 -5.08 37.91 -9.77
N SER D 135 -4.60 36.85 -10.43
CA SER D 135 -3.35 36.13 -10.13
C SER D 135 -2.93 35.27 -11.34
N GLY D 136 -1.70 34.76 -11.34
CA GLY D 136 -1.21 33.84 -12.38
C GLY D 136 -0.74 34.47 -13.70
N GLY D 137 -0.78 35.81 -13.82
CA GLY D 137 -0.09 36.52 -14.90
C GLY D 137 1.44 36.47 -14.76
N GLY D 138 2.18 36.54 -15.87
CA GLY D 138 3.63 36.45 -15.89
C GLY D 138 4.24 36.49 -17.31
N LEU D 139 5.54 36.20 -17.39
CA LEU D 139 6.33 36.11 -18.62
C LEU D 139 6.33 34.68 -19.17
N VAL D 140 6.22 34.52 -20.50
CA VAL D 140 6.09 33.22 -21.18
C VAL D 140 6.84 33.21 -22.52
N GLN D 141 7.22 32.01 -22.99
CA GLN D 141 7.61 31.77 -24.39
C GLN D 141 6.40 31.86 -25.34
N PRO D 142 6.57 32.33 -26.59
CA PRO D 142 5.55 32.20 -27.63
C PRO D 142 5.25 30.72 -27.95
N GLY D 143 4.00 30.44 -28.37
CA GLY D 143 3.49 29.09 -28.56
C GLY D 143 3.14 28.34 -27.26
N GLY D 144 3.68 28.77 -26.12
CA GLY D 144 3.43 28.17 -24.80
C GLY D 144 2.05 28.47 -24.22
N SER D 145 1.90 28.13 -22.94
CA SER D 145 0.66 28.29 -22.17
C SER D 145 0.90 29.02 -20.84
N LEU D 146 -0.16 29.63 -20.30
CA LEU D 146 -0.21 30.25 -18.99
C LEU D 146 -1.64 30.14 -18.41
N ARG D 147 -1.79 29.89 -17.11
CA ARG D 147 -3.09 29.80 -16.44
C ARG D 147 -3.30 30.99 -15.50
N LEU D 148 -4.16 31.92 -15.90
CA LEU D 148 -4.60 33.02 -15.04
C LEU D 148 -5.67 32.51 -14.06
N SER D 149 -5.78 33.18 -12.91
CA SER D 149 -6.63 32.81 -11.78
C SER D 149 -7.29 34.07 -11.17
N CYS D 150 -8.58 34.01 -10.88
CA CYS D 150 -9.37 35.15 -10.39
C CYS D 150 -10.35 34.70 -9.30
N ALA D 151 -10.16 35.18 -8.07
CA ALA D 151 -11.04 34.89 -6.94
C ALA D 151 -12.05 36.03 -6.70
N ALA D 152 -13.25 35.69 -6.21
CA ALA D 152 -14.32 36.66 -5.93
C ALA D 152 -14.51 36.96 -4.42
N SER D 153 -14.88 38.20 -4.11
CA SER D 153 -15.08 38.72 -2.75
C SER D 153 -16.27 39.68 -2.65
N GLY D 154 -16.91 39.75 -1.48
CA GLY D 154 -18.14 40.51 -1.25
C GLY D 154 -19.41 39.88 -1.84
N PHE D 155 -19.29 38.91 -2.75
CA PHE D 155 -20.37 38.06 -3.25
C PHE D 155 -19.87 36.62 -3.50
N ASN D 156 -20.78 35.67 -3.80
CA ASN D 156 -20.43 34.28 -4.08
C ASN D 156 -21.05 33.78 -5.39
N ILE D 157 -20.25 33.14 -6.25
CA ILE D 157 -20.54 33.02 -7.68
C ILE D 157 -21.71 32.05 -8.00
N LYS D 158 -22.95 32.58 -8.12
CA LYS D 158 -24.16 31.84 -8.51
C LYS D 158 -25.09 32.62 -9.44
N ASP D 159 -25.36 33.90 -9.16
CA ASP D 159 -25.85 34.84 -10.19
C ASP D 159 -24.64 35.49 -10.85
N THR D 160 -24.04 34.81 -11.83
CA THR D 160 -22.68 35.15 -12.25
C THR D 160 -22.33 34.74 -13.67
N TYR D 161 -21.77 35.70 -14.41
CA TYR D 161 -20.68 35.44 -15.34
C TYR D 161 -19.40 36.03 -14.77
N ILE D 162 -18.28 35.31 -14.88
CA ILE D 162 -16.94 35.88 -14.70
C ILE D 162 -16.28 36.06 -16.08
N HIS D 163 -15.65 37.21 -16.27
CA HIS D 163 -14.94 37.61 -17.49
C HIS D 163 -13.43 37.57 -17.31
N TRP D 164 -12.71 37.52 -18.43
CA TRP D 164 -11.37 38.08 -18.56
C TRP D 164 -11.32 39.16 -19.66
N VAL D 165 -10.51 40.18 -19.40
CA VAL D 165 -10.29 41.39 -20.19
C VAL D 165 -8.79 41.72 -20.12
N ARG D 166 -8.24 42.45 -21.08
CA ARG D 166 -6.84 42.90 -21.06
C ARG D 166 -6.65 44.28 -21.66
N GLN D 167 -5.63 44.99 -21.21
CA GLN D 167 -5.24 46.33 -21.67
C GLN D 167 -3.89 46.26 -22.39
N ALA D 168 -3.79 46.82 -23.60
CA ALA D 168 -2.50 47.17 -24.17
C ALA D 168 -1.84 48.24 -23.27
N PRO D 169 -0.61 48.06 -22.75
CA PRO D 169 -0.13 48.81 -21.58
C PRO D 169 -0.23 50.35 -21.70
N GLY D 170 -1.13 50.96 -20.92
CA GLY D 170 -1.45 52.39 -20.95
C GLY D 170 -2.14 52.85 -22.24
N LYS D 171 -2.96 51.99 -22.85
CA LYS D 171 -3.66 52.15 -24.15
C LYS D 171 -5.00 51.37 -24.12
N GLY D 172 -5.54 51.00 -25.28
CA GLY D 172 -6.84 50.35 -25.49
C GLY D 172 -7.07 49.05 -24.71
N LEU D 173 -8.35 48.71 -24.54
CA LEU D 173 -8.83 47.48 -23.91
C LEU D 173 -9.30 46.46 -24.94
N GLU D 174 -9.30 45.19 -24.56
CA GLU D 174 -9.80 44.05 -25.32
C GLU D 174 -10.49 43.07 -24.35
N TRP D 175 -11.72 42.64 -24.68
CA TRP D 175 -12.42 41.59 -23.92
C TRP D 175 -12.02 40.22 -24.46
N VAL D 176 -11.82 39.23 -23.57
CA VAL D 176 -11.17 37.96 -23.90
C VAL D 176 -12.15 36.78 -23.86
N ALA D 177 -12.80 36.54 -22.72
CA ALA D 177 -13.72 35.41 -22.54
C ALA D 177 -14.69 35.61 -21.35
N ARG D 178 -15.80 34.85 -21.32
CA ARG D 178 -16.67 34.66 -20.14
C ARG D 178 -17.02 33.21 -19.87
N ILE D 179 -17.26 32.90 -18.60
CA ILE D 179 -17.87 31.67 -18.10
C ILE D 179 -19.08 32.00 -17.23
N TYR D 180 -20.13 31.17 -17.27
CA TYR D 180 -21.21 31.15 -16.27
C TYR D 180 -20.97 29.99 -15.28
N PRO D 181 -20.34 30.22 -14.10
CA PRO D 181 -19.86 29.12 -13.24
C PRO D 181 -20.97 28.16 -12.77
N THR D 182 -22.21 28.63 -12.74
CA THR D 182 -23.38 27.88 -12.26
C THR D 182 -23.88 26.82 -13.26
N ASN D 183 -23.37 26.79 -14.50
CA ASN D 183 -23.62 25.68 -15.45
C ASN D 183 -22.45 25.32 -16.38
N GLY D 184 -21.36 26.11 -16.41
CA GLY D 184 -20.17 25.84 -17.22
C GLY D 184 -20.23 26.31 -18.69
N TYR D 185 -21.23 27.11 -19.10
CA TYR D 185 -21.24 27.71 -20.45
C TYR D 185 -20.08 28.73 -20.59
N THR D 186 -19.45 28.79 -21.77
CA THR D 186 -18.32 29.69 -22.06
C THR D 186 -18.37 30.30 -23.47
N ARG D 187 -17.87 31.53 -23.60
CA ARG D 187 -17.72 32.26 -24.86
C ARG D 187 -16.45 33.12 -24.90
N TYR D 188 -15.99 33.41 -26.12
CA TYR D 188 -14.64 33.91 -26.44
C TYR D 188 -14.66 34.98 -27.53
N ALA D 189 -13.60 35.82 -27.56
CA ALA D 189 -13.32 36.77 -28.64
C ALA D 189 -12.51 36.14 -29.79
N ASP D 190 -12.62 36.73 -31.00
CA ASP D 190 -12.02 36.21 -32.23
C ASP D 190 -10.49 36.09 -32.23
N SER D 191 -9.79 36.79 -31.32
CA SER D 191 -8.34 36.73 -31.11
C SER D 191 -7.87 35.52 -30.28
N VAL D 192 -8.78 34.86 -29.55
CA VAL D 192 -8.48 33.82 -28.54
C VAL D 192 -9.35 32.57 -28.66
N LYS D 193 -10.46 32.68 -29.39
CA LYS D 193 -11.21 31.63 -30.09
C LYS D 193 -10.29 30.51 -30.60
N GLY D 194 -10.39 29.33 -30.00
CA GLY D 194 -9.58 28.16 -30.37
C GLY D 194 -8.12 28.16 -29.86
N ARG D 195 -7.68 29.21 -29.14
CA ARG D 195 -6.39 29.26 -28.43
C ARG D 195 -6.56 29.09 -26.92
N PHE D 196 -7.51 29.80 -26.32
CA PHE D 196 -7.69 29.87 -24.86
C PHE D 196 -9.00 29.19 -24.42
N THR D 197 -9.05 28.73 -23.17
CA THR D 197 -10.25 28.15 -22.54
C THR D 197 -10.48 28.79 -21.17
N ILE D 198 -11.71 29.20 -20.86
CA ILE D 198 -12.08 29.72 -19.52
C ILE D 198 -12.78 28.62 -18.70
N SER D 199 -12.54 28.59 -17.39
CA SER D 199 -12.95 27.50 -16.48
C SER D 199 -13.15 28.05 -15.06
N ALA D 200 -13.85 27.35 -14.17
CA ALA D 200 -14.11 27.83 -12.80
C ALA D 200 -14.31 26.70 -11.78
N ASP D 201 -14.02 27.00 -10.52
CA ASP D 201 -14.49 26.23 -9.36
C ASP D 201 -15.57 27.02 -8.61
N THR D 202 -16.82 26.63 -8.88
CA THR D 202 -18.05 27.24 -8.36
C THR D 202 -18.27 26.95 -6.86
N SER D 203 -17.47 26.07 -6.25
CA SER D 203 -17.42 25.87 -4.79
C SER D 203 -16.36 26.75 -4.12
N LYS D 204 -15.22 27.00 -4.78
CA LYS D 204 -14.07 27.75 -4.24
C LYS D 204 -13.99 29.20 -4.75
N ASN D 205 -15.13 29.74 -5.19
CA ASN D 205 -15.36 31.13 -5.58
C ASN D 205 -14.34 31.71 -6.58
N THR D 206 -13.81 30.86 -7.48
CA THR D 206 -12.64 31.21 -8.32
C THR D 206 -12.86 30.79 -9.78
N ALA D 207 -12.44 31.64 -10.72
CA ALA D 207 -12.43 31.39 -12.16
C ALA D 207 -11.01 31.51 -12.74
N TYR D 208 -10.78 30.95 -13.91
CA TYR D 208 -9.45 30.77 -14.51
C TYR D 208 -9.49 30.91 -16.03
N LEU D 209 -8.45 31.54 -16.60
CA LEU D 209 -8.22 31.53 -18.05
C LEU D 209 -7.00 30.67 -18.36
N GLN D 210 -7.23 29.55 -19.04
CA GLN D 210 -6.20 28.67 -19.59
C GLN D 210 -5.78 29.18 -20.97
N MET D 211 -4.72 29.99 -21.01
CA MET D 211 -4.16 30.53 -22.25
C MET D 211 -3.13 29.56 -22.83
N ASN D 212 -3.15 29.36 -24.14
CA ASN D 212 -2.29 28.43 -24.88
C ASN D 212 -2.00 29.00 -26.28
N SER D 213 -0.97 28.52 -26.96
CA SER D 213 -0.54 29.07 -28.27
C SER D 213 -0.30 30.59 -28.19
N LEU D 214 0.47 31.01 -27.19
CA LEU D 214 0.70 32.41 -26.83
C LEU D 214 1.48 33.19 -27.91
N ARG D 215 1.21 34.49 -28.01
CA ARG D 215 1.64 35.40 -29.08
C ARG D 215 2.26 36.68 -28.52
N ALA D 216 3.06 37.40 -29.32
CA ALA D 216 3.49 38.76 -28.96
C ALA D 216 2.27 39.70 -28.88
N GLU D 217 1.24 39.40 -29.68
CA GLU D 217 -0.12 39.94 -29.65
C GLU D 217 -0.91 39.60 -28.36
N ASP D 218 -0.27 38.98 -27.36
CA ASP D 218 -0.81 38.78 -26.01
C ASP D 218 -0.08 39.58 -24.90
N THR D 219 0.87 40.46 -25.21
CA THR D 219 1.54 41.32 -24.20
C THR D 219 0.58 42.41 -23.70
N ALA D 220 -0.02 42.22 -22.52
CA ALA D 220 -1.08 43.09 -22.01
C ALA D 220 -1.20 43.01 -20.48
N VAL D 221 -1.84 44.02 -19.86
CA VAL D 221 -2.25 43.97 -18.45
C VAL D 221 -3.63 43.33 -18.36
N TYR D 222 -3.72 42.12 -17.82
CA TYR D 222 -4.96 41.35 -17.71
C TYR D 222 -5.76 41.72 -16.45
N TYR D 223 -7.08 41.64 -16.59
CA TYR D 223 -8.09 41.98 -15.61
C TYR D 223 -9.26 40.98 -15.67
N CYS D 224 -9.97 40.84 -14.57
CA CYS D 224 -11.13 39.98 -14.39
C CYS D 224 -12.34 40.83 -13.94
N SER D 225 -13.57 40.44 -14.32
CA SER D 225 -14.78 41.17 -13.89
C SER D 225 -16.03 40.30 -13.80
N ARG D 226 -17.14 40.85 -13.28
CA ARG D 226 -18.44 40.14 -13.15
C ARG D 226 -19.56 40.73 -14.01
N TRP D 227 -20.52 39.88 -14.39
CA TRP D 227 -21.94 40.22 -14.62
C TRP D 227 -22.83 39.34 -13.72
N GLY D 228 -24.06 39.75 -13.46
CA GLY D 228 -25.09 39.00 -12.75
C GLY D 228 -26.44 39.72 -12.89
N GLY D 229 -27.50 38.97 -13.19
CA GLY D 229 -28.73 39.44 -13.81
C GLY D 229 -28.49 39.88 -15.25
N ASP D 230 -28.89 39.08 -16.25
CA ASP D 230 -28.51 39.32 -17.65
C ASP D 230 -28.93 40.69 -18.22
N GLY D 231 -29.98 41.32 -17.69
CA GLY D 231 -30.36 42.70 -18.04
C GLY D 231 -29.41 43.79 -17.53
N PHE D 232 -28.29 43.41 -16.91
CA PHE D 232 -27.16 44.23 -16.47
C PHE D 232 -25.83 43.61 -16.94
N TYR D 233 -25.65 43.49 -18.26
CA TYR D 233 -24.35 43.16 -18.87
C TYR D 233 -23.38 44.37 -18.86
N ALA D 234 -23.09 44.94 -17.69
CA ALA D 234 -22.09 45.97 -17.49
C ALA D 234 -21.13 45.61 -16.33
N MET D 235 -19.84 45.83 -16.51
CA MET D 235 -18.79 45.26 -15.65
C MET D 235 -18.43 46.22 -14.50
N ASP D 236 -19.05 46.05 -13.33
CA ASP D 236 -18.88 46.94 -12.17
C ASP D 236 -17.77 46.48 -11.19
N TYR D 237 -17.69 45.18 -10.89
CA TYR D 237 -16.70 44.64 -9.94
C TYR D 237 -15.57 43.88 -10.65
N TRP D 238 -14.34 44.16 -10.19
CA TRP D 238 -13.06 43.83 -10.83
C TRP D 238 -11.99 43.54 -9.76
N GLY D 239 -10.75 43.22 -10.09
CA GLY D 239 -9.63 43.24 -9.14
C GLY D 239 -8.51 44.25 -9.47
N GLN D 240 -7.30 43.99 -8.95
CA GLN D 240 -6.13 44.88 -9.12
C GLN D 240 -5.38 44.67 -10.46
N GLY D 241 -5.56 43.51 -11.10
CA GLY D 241 -4.95 43.11 -12.36
C GLY D 241 -3.63 42.35 -12.22
N THR D 242 -3.10 41.84 -13.35
CA THR D 242 -1.75 41.27 -13.44
C THR D 242 -1.19 41.44 -14.85
N LEU D 243 0.11 41.70 -14.99
CA LEU D 243 0.79 41.76 -16.29
C LEU D 243 0.92 40.36 -16.92
N VAL D 244 0.80 40.28 -18.24
CA VAL D 244 1.18 39.11 -19.06
C VAL D 244 2.12 39.58 -20.16
N THR D 245 3.21 38.85 -20.38
CA THR D 245 4.19 39.12 -21.44
C THR D 245 4.64 37.85 -22.15
N VAL D 246 4.91 37.96 -23.45
CA VAL D 246 5.32 36.84 -24.30
C VAL D 246 6.56 37.25 -25.08
N SER D 247 7.67 36.51 -24.92
CA SER D 247 9.00 36.92 -25.37
C SER D 247 9.94 35.73 -25.57
N SER D 248 11.05 35.93 -26.28
CA SER D 248 12.15 34.96 -26.36
C SER D 248 13.04 35.05 -25.12
#